data_5QAM
#
_entry.id   5QAM
#
_cell.length_a   90.730
_cell.length_b   109.051
_cell.length_c   124.085
_cell.angle_alpha   90.000
_cell.angle_beta   90.000
_cell.angle_gamma   90.000
#
_symmetry.space_group_name_H-M   'P 21 21 21'
#
loop_
_entity.id
_entity.type
_entity.pdbx_description
1 polymer Beta-lactamase
2 non-polymer '3-[4-(methylsulfonylamino)phenyl]benzoic acid'
3 non-polymer 1,2-ETHANEDIOL
4 non-polymer 'CHLORIDE ION'
5 water water
#
_entity_poly.entity_id   1
_entity_poly.type   'polypeptide(L)'
_entity_poly.pdbx_seq_one_letter_code
;KEWQENKSWNAHFTEHKSQGVVVLWNENKQQGFTNNLKRANQAFLPASTF(KCX)IPNSLIALDLGVVKDEHQVFKWDGQ
TRDIATWNRDHNLITAMKYSVVPVYQEFARQIGEARMSKMLHAFDYGNEDISGNVDSFWLDGGIRISATEQISFLRKLYH
NKLHVSERSQRIVKQAMLTEANGDYIIRAKTGYSTRIEPKIGWWVGWVELDDNVWFFAMNMDMPTSDGLGLRQAITKEVL
KQEKIIP
;
_entity_poly.pdbx_strand_id   A,B,C,D
#
loop_
_chem_comp.id
_chem_comp.type
_chem_comp.name
_chem_comp.formula
CL non-polymer 'CHLORIDE ION' 'Cl -1'
EDO non-polymer 1,2-ETHANEDIOL 'C2 H6 O2'
GA6 non-polymer '3-[4-(methylsulfonylamino)phenyl]benzoic acid' 'C14 H13 N O4 S'
#
# COMPACT_ATOMS: atom_id res chain seq x y z
N GLU A 2 31.48 -43.42 -11.42
CA GLU A 2 31.25 -42.03 -11.82
C GLU A 2 30.26 -41.32 -10.91
N TRP A 3 29.22 -42.02 -10.50
CA TRP A 3 28.16 -41.45 -9.66
C TRP A 3 28.00 -42.28 -8.40
N GLN A 4 27.92 -41.62 -7.26
CA GLN A 4 27.78 -42.29 -5.98
C GLN A 4 26.63 -41.67 -5.21
N GLU A 5 25.82 -42.52 -4.58
CA GLU A 5 24.69 -42.08 -3.79
C GLU A 5 25.06 -42.11 -2.32
N ASN A 6 24.84 -41.00 -1.63
CA ASN A 6 25.20 -40.85 -0.22
C ASN A 6 23.93 -40.44 0.52
N LYS A 7 23.18 -41.41 1.01
CA LYS A 7 21.92 -41.11 1.68
C LYS A 7 22.12 -40.47 3.05
N SER A 8 23.35 -40.41 3.55
CA SER A 8 23.57 -39.76 4.83
C SER A 8 23.23 -38.28 4.78
N TRP A 9 23.28 -37.67 3.59
CA TRP A 9 22.87 -36.28 3.47
C TRP A 9 21.39 -36.09 3.77
N ASN A 10 20.58 -37.15 3.66
CA ASN A 10 19.15 -37.01 3.94
C ASN A 10 18.92 -36.44 5.33
N ALA A 11 19.83 -36.72 6.27
CA ALA A 11 19.69 -36.17 7.62
C ALA A 11 19.57 -34.65 7.60
N HIS A 12 20.30 -34.00 6.68
CA HIS A 12 20.24 -32.54 6.63
C HIS A 12 18.86 -32.05 6.20
N PHE A 13 18.14 -32.83 5.39
CA PHE A 13 16.79 -32.46 5.01
C PHE A 13 15.78 -32.82 6.10
N THR A 14 15.86 -34.05 6.62
CA THR A 14 14.86 -34.49 7.59
C THR A 14 14.94 -33.69 8.89
N GLU A 15 16.14 -33.30 9.32
CA GLU A 15 16.26 -32.51 10.54
C GLU A 15 15.51 -31.18 10.42
N HIS A 16 15.34 -30.66 9.20
CA HIS A 16 14.53 -29.48 8.96
C HIS A 16 13.15 -29.82 8.43
N LYS A 17 12.70 -31.06 8.65
CA LYS A 17 11.39 -31.53 8.21
C LYS A 17 11.13 -31.22 6.75
N SER A 18 12.15 -31.37 5.91
CA SER A 18 12.03 -31.11 4.48
C SER A 18 12.49 -32.33 3.70
N GLN A 19 12.36 -32.23 2.38
CA GLN A 19 12.79 -33.27 1.46
C GLN A 19 13.38 -32.61 0.22
N GLY A 20 14.42 -33.21 -0.32
CA GLY A 20 15.07 -32.64 -1.48
C GLY A 20 16.28 -33.43 -1.90
N VAL A 21 17.05 -32.83 -2.79
CA VAL A 21 18.25 -33.46 -3.35
C VAL A 21 19.33 -32.40 -3.47
N VAL A 22 20.55 -32.81 -3.14
CA VAL A 22 21.77 -32.07 -3.47
C VAL A 22 22.56 -32.93 -4.43
N VAL A 23 23.08 -32.30 -5.48
CA VAL A 23 23.95 -32.94 -6.44
C VAL A 23 25.27 -32.17 -6.44
N LEU A 24 26.38 -32.90 -6.28
CA LEU A 24 27.71 -32.32 -6.31
C LEU A 24 28.53 -32.94 -7.43
N TRP A 25 29.39 -32.13 -8.06
CA TRP A 25 30.29 -32.63 -9.10
C TRP A 25 31.69 -32.12 -8.81
N ASN A 26 32.62 -33.06 -8.65
CA ASN A 26 34.03 -32.76 -8.44
C ASN A 26 34.69 -32.63 -9.81
N GLU A 27 35.05 -31.41 -10.19
CA GLU A 27 35.53 -31.17 -11.54
C GLU A 27 36.86 -31.89 -11.78
N ASN A 28 37.79 -31.80 -10.82
CA ASN A 28 39.08 -32.46 -11.01
C ASN A 28 38.92 -33.96 -11.22
N LYS A 29 38.11 -34.60 -10.38
CA LYS A 29 38.00 -36.06 -10.41
C LYS A 29 36.92 -36.56 -11.35
N GLN A 30 36.08 -35.66 -11.87
CA GLN A 30 34.99 -36.04 -12.76
C GLN A 30 34.10 -37.10 -12.12
N GLN A 31 33.70 -36.83 -10.89
CA GLN A 31 32.84 -37.73 -10.12
C GLN A 31 31.70 -36.92 -9.53
N GLY A 32 30.51 -37.53 -9.50
CA GLY A 32 29.31 -36.89 -9.00
C GLY A 32 28.83 -37.58 -7.73
N PHE A 33 28.12 -36.82 -6.90
CA PHE A 33 27.62 -37.30 -5.62
C PHE A 33 26.22 -36.74 -5.38
N THR A 34 25.33 -37.58 -4.87
CA THR A 34 23.97 -37.11 -4.57
C THR A 34 23.35 -38.00 -3.51
N ASN A 35 22.39 -37.43 -2.78
CA ASN A 35 21.63 -38.20 -1.79
C ASN A 35 20.47 -38.96 -2.42
N ASN A 36 20.11 -38.64 -3.66
CA ASN A 36 18.90 -39.22 -4.24
C ASN A 36 19.07 -39.22 -5.76
N LEU A 37 19.54 -40.36 -6.28
CA LEU A 37 19.77 -40.50 -7.72
C LEU A 37 18.49 -40.27 -8.52
N LYS A 38 17.36 -40.76 -8.03
CA LYS A 38 16.11 -40.56 -8.76
C LYS A 38 15.79 -39.07 -8.87
N ARG A 39 15.69 -38.39 -7.73
CA ARG A 39 15.29 -36.98 -7.74
C ARG A 39 16.35 -36.11 -8.42
N ALA A 40 17.62 -36.51 -8.35
CA ALA A 40 18.66 -35.78 -9.08
C ALA A 40 18.35 -35.68 -10.57
N ASN A 41 17.60 -36.65 -11.11
CA ASN A 41 17.27 -36.68 -12.52
C ASN A 41 15.81 -36.36 -12.82
N GLN A 42 15.04 -35.96 -11.82
CA GLN A 42 13.66 -35.50 -12.05
C GLN A 42 13.66 -34.03 -12.46
N ALA A 43 12.81 -33.71 -13.43
CA ALA A 43 12.80 -32.41 -14.07
C ALA A 43 11.75 -31.50 -13.43
N PHE A 44 12.18 -30.31 -13.02
CA PHE A 44 11.28 -29.31 -12.42
C PHE A 44 11.31 -28.03 -13.24
N LEU A 45 10.32 -27.17 -13.01
CA LEU A 45 10.39 -25.83 -13.54
C LEU A 45 11.69 -25.17 -13.07
N PRO A 46 12.43 -24.51 -13.96
CA PRO A 46 13.66 -23.84 -13.51
C PRO A 46 13.42 -22.60 -12.68
N ALA A 47 12.26 -21.96 -12.83
CA ALA A 47 11.97 -20.69 -12.16
C ALA A 47 13.18 -19.77 -12.29
N SER A 48 13.53 -19.04 -11.23
CA SER A 48 14.54 -17.99 -11.39
C SER A 48 15.94 -18.51 -11.68
N THR A 49 16.20 -19.82 -11.60
CA THR A 49 17.50 -20.29 -12.11
C THR A 49 17.61 -20.07 -13.61
N PHE A 50 16.49 -19.82 -14.28
CA PHE A 50 16.49 -19.53 -15.70
C PHE A 50 17.11 -18.16 -15.99
N KCX A 51 17.31 -17.35 -14.96
CA KCX A 51 17.94 -16.04 -15.19
CB KCX A 51 17.83 -15.17 -13.93
CG KCX A 51 16.39 -14.72 -13.66
CD KCX A 51 16.30 -13.67 -12.57
CE KCX A 51 14.87 -13.12 -12.46
NZ KCX A 51 13.93 -14.18 -12.03
C KCX A 51 19.39 -16.21 -15.66
O KCX A 51 19.98 -15.27 -16.19
CX KCX A 51 13.14 -14.78 -12.91
OQ1 KCX A 51 12.37 -15.68 -12.51
OQ2 KCX A 51 13.15 -14.45 -14.10
H KCX A 51 17.12 -17.51 -14.15
HA KCX A 51 17.44 -15.59 -15.91
HB2 KCX A 51 18.13 -15.70 -13.17
HG2 KCX A 51 15.87 -15.49 -13.38
HD2 KCX A 51 16.53 -14.06 -11.72
HE2 KCX A 51 14.85 -12.41 -11.79
N ILE A 52 19.97 -17.39 -15.51
CA ILE A 52 21.32 -17.61 -16.02
C ILE A 52 21.28 -17.66 -17.54
N PRO A 53 20.55 -18.63 -18.12
CA PRO A 53 20.47 -18.65 -19.59
C PRO A 53 19.81 -17.40 -20.16
N ASN A 54 18.81 -16.86 -19.47
CA ASN A 54 18.15 -15.67 -19.98
C ASN A 54 19.15 -14.52 -20.09
N SER A 55 19.99 -14.34 -19.06
CA SER A 55 21.02 -13.30 -19.10
C SER A 55 21.99 -13.50 -20.26
N LEU A 56 22.45 -14.74 -20.43
CA LEU A 56 23.39 -15.05 -21.50
C LEU A 56 22.82 -14.66 -22.85
N ILE A 57 21.56 -15.03 -23.10
CA ILE A 57 20.94 -14.79 -24.39
C ILE A 57 20.72 -13.30 -24.59
N ALA A 58 20.24 -12.61 -23.55
CA ALA A 58 20.00 -11.19 -23.64
C ALA A 58 21.29 -10.43 -23.95
N LEU A 59 22.39 -10.81 -23.32
CA LEU A 59 23.66 -10.15 -23.59
C LEU A 59 24.16 -10.47 -24.99
N ASP A 60 24.08 -11.74 -25.40
CA ASP A 60 24.68 -12.09 -26.69
C ASP A 60 23.91 -11.47 -27.85
N LEU A 61 22.62 -11.22 -27.69
CA LEU A 61 21.83 -10.61 -28.75
C LEU A 61 21.82 -9.09 -28.69
N GLY A 62 22.44 -8.50 -27.67
CA GLY A 62 22.43 -7.06 -27.55
C GLY A 62 21.18 -6.48 -26.91
N VAL A 63 20.26 -7.33 -26.44
CA VAL A 63 19.14 -6.84 -25.66
C VAL A 63 19.63 -6.13 -24.41
N VAL A 64 20.66 -6.67 -23.78
CA VAL A 64 21.36 -6.05 -22.66
C VAL A 64 22.75 -5.67 -23.16
N LYS A 65 23.09 -4.39 -23.03
CA LYS A 65 24.36 -3.88 -23.51
C LYS A 65 25.52 -4.36 -22.66
N ASP A 66 25.41 -4.22 -21.34
CA ASP A 66 26.45 -4.62 -20.41
C ASP A 66 25.81 -4.65 -19.03
N GLU A 67 26.63 -4.94 -18.03
CA GLU A 67 26.14 -5.11 -16.66
C GLU A 67 25.83 -3.79 -15.97
N HIS A 68 26.04 -2.66 -16.66
CA HIS A 68 25.74 -1.35 -16.11
C HIS A 68 24.43 -0.76 -16.61
N GLN A 69 23.90 -1.26 -17.72
CA GLN A 69 22.69 -0.72 -18.29
C GLN A 69 21.56 -0.77 -17.27
N VAL A 70 20.82 0.33 -17.15
CA VAL A 70 19.80 0.48 -16.13
C VAL A 70 18.45 0.14 -16.75
N PHE A 71 17.73 -0.78 -16.12
CA PHE A 71 16.38 -1.12 -16.51
C PHE A 71 15.47 -0.42 -15.51
N LYS A 72 14.84 0.64 -15.98
CA LYS A 72 14.02 1.48 -15.11
C LYS A 72 12.79 0.72 -14.63
N TRP A 73 12.48 0.89 -13.34
CA TRP A 73 11.22 0.40 -12.80
C TRP A 73 10.05 0.92 -13.63
N ASP A 74 9.12 0.03 -13.96
CA ASP A 74 7.96 0.43 -14.76
C ASP A 74 6.92 1.20 -13.95
N GLY A 75 7.17 1.47 -12.67
CA GLY A 75 6.24 2.25 -11.89
C GLY A 75 5.05 1.47 -11.36
N GLN A 76 5.02 0.16 -11.61
CA GLN A 76 3.94 -0.68 -11.14
C GLN A 76 4.36 -1.30 -9.80
N THR A 77 3.63 -0.96 -8.75
CA THR A 77 4.00 -1.42 -7.42
C THR A 77 3.75 -2.92 -7.30
N ARG A 78 4.81 -3.68 -6.99
CA ARG A 78 4.72 -5.12 -6.78
C ARG A 78 4.99 -5.45 -5.32
N ASP A 79 4.69 -6.70 -4.93
CA ASP A 79 4.74 -7.02 -3.50
C ASP A 79 6.15 -7.31 -3.00
N ILE A 80 7.15 -7.36 -3.87
CA ILE A 80 8.54 -7.49 -3.42
C ILE A 80 9.19 -6.12 -3.55
N ALA A 81 9.49 -5.51 -2.39
CA ALA A 81 9.92 -4.12 -2.34
C ALA A 81 11.15 -3.87 -3.20
N THR A 82 12.12 -4.80 -3.19
CA THR A 82 13.35 -4.59 -3.94
C THR A 82 13.10 -4.55 -5.44
N TRP A 83 11.93 -5.03 -5.89
CA TRP A 83 11.59 -4.96 -7.31
C TRP A 83 11.09 -3.59 -7.72
N ASN A 84 10.65 -2.76 -6.78
CA ASN A 84 10.07 -1.45 -7.09
C ASN A 84 11.17 -0.39 -7.15
N ARG A 85 12.16 -0.64 -8.00
CA ARG A 85 13.29 0.27 -8.14
C ARG A 85 13.99 -0.05 -9.45
N ASP A 86 14.91 0.83 -9.83
CA ASP A 86 15.73 0.59 -11.02
C ASP A 86 16.74 -0.52 -10.74
N HIS A 87 17.11 -1.24 -11.80
CA HIS A 87 18.07 -2.33 -11.66
C HIS A 87 19.02 -2.33 -12.84
N ASN A 88 20.19 -2.93 -12.60
CA ASN A 88 21.07 -3.37 -13.67
C ASN A 88 21.12 -4.89 -13.63
N LEU A 89 21.94 -5.48 -14.51
CA LEU A 89 22.00 -6.94 -14.57
C LEU A 89 22.45 -7.53 -13.24
N ILE A 90 23.39 -6.88 -12.56
CA ILE A 90 23.91 -7.40 -11.31
C ILE A 90 22.83 -7.43 -10.23
N THR A 91 22.15 -6.30 -10.01
CA THR A 91 21.15 -6.24 -8.96
C THR A 91 19.89 -7.02 -9.35
N ALA A 92 19.56 -7.07 -10.64
CA ALA A 92 18.41 -7.84 -11.07
C ALA A 92 18.61 -9.32 -10.79
N MET A 93 19.81 -9.83 -11.01
CA MET A 93 20.13 -11.19 -10.60
C MET A 93 20.06 -11.34 -9.09
N LYS A 94 20.73 -10.44 -8.36
CA LYS A 94 20.80 -10.53 -6.92
C LYS A 94 19.42 -10.60 -6.27
N TYR A 95 18.49 -9.78 -6.73
CA TYR A 95 17.15 -9.72 -6.15
C TYR A 95 16.11 -10.49 -6.97
N SER A 96 16.53 -11.33 -7.91
N SER A 96 16.55 -11.32 -7.91
CA SER A 96 15.63 -12.17 -8.70
CA SER A 96 15.69 -12.16 -8.74
C SER A 96 14.46 -11.37 -9.24
C SER A 96 14.48 -11.37 -9.24
N VAL A 97 14.78 -10.29 -9.96
CA VAL A 97 13.75 -9.34 -10.37
C VAL A 97 13.05 -9.87 -11.61
N VAL A 98 12.00 -10.67 -11.39
CA VAL A 98 11.28 -11.30 -12.50
C VAL A 98 10.87 -10.29 -13.57
N PRO A 99 10.22 -9.18 -13.25
CA PRO A 99 9.71 -8.33 -14.34
C PRO A 99 10.79 -7.79 -15.27
N VAL A 100 12.01 -7.59 -14.78
CA VAL A 100 13.10 -7.18 -15.66
C VAL A 100 13.40 -8.31 -16.67
N TYR A 101 13.42 -9.54 -16.19
CA TYR A 101 13.72 -10.67 -17.07
C TYR A 101 12.54 -11.01 -17.97
N GLN A 102 11.31 -10.72 -17.55
CA GLN A 102 10.17 -10.90 -18.44
C GLN A 102 10.30 -10.01 -19.67
N GLU A 103 10.74 -8.75 -19.47
CA GLU A 103 10.96 -7.87 -20.62
C GLU A 103 12.11 -8.37 -21.49
N PHE A 104 13.20 -8.85 -20.89
CA PHE A 104 14.26 -9.49 -21.67
C PHE A 104 13.66 -10.53 -22.61
N ALA A 105 12.84 -11.43 -22.05
CA ALA A 105 12.30 -12.54 -22.85
C ALA A 105 11.45 -12.03 -24.00
N ARG A 106 10.63 -10.98 -23.76
CA ARG A 106 9.81 -10.41 -24.82
C ARG A 106 10.68 -9.87 -25.94
N GLN A 107 11.81 -9.22 -25.61
CA GLN A 107 12.68 -8.67 -26.62
C GLN A 107 13.46 -9.77 -27.34
N ILE A 108 13.88 -10.79 -26.60
CA ILE A 108 14.50 -11.95 -27.24
C ILE A 108 13.54 -12.59 -28.24
N GLY A 109 12.31 -12.85 -27.80
CA GLY A 109 11.31 -13.46 -28.65
C GLY A 109 11.37 -14.98 -28.62
N GLU A 110 10.24 -15.60 -28.98
CA GLU A 110 10.11 -17.06 -28.90
C GLU A 110 11.14 -17.76 -29.79
N ALA A 111 11.27 -17.32 -31.04
CA ALA A 111 12.10 -18.05 -31.99
C ALA A 111 13.55 -18.09 -31.53
N ARG A 112 14.12 -16.94 -31.20
CA ARG A 112 15.52 -16.89 -30.80
C ARG A 112 15.74 -17.55 -29.44
N MET A 113 14.78 -17.39 -28.53
CA MET A 113 14.88 -18.06 -27.24
C MET A 113 14.92 -19.58 -27.43
N SER A 114 14.01 -20.10 -28.24
CA SER A 114 13.97 -21.53 -28.48
C SER A 114 15.26 -22.00 -29.14
N LYS A 115 15.73 -21.24 -30.14
CA LYS A 115 16.93 -21.62 -30.86
C LYS A 115 18.12 -21.66 -29.90
N MET A 116 18.20 -20.69 -28.99
CA MET A 116 19.35 -20.60 -28.09
C MET A 116 19.33 -21.68 -27.02
N LEU A 117 18.15 -22.00 -26.48
CA LEU A 117 18.10 -23.05 -25.47
C LEU A 117 18.48 -24.40 -26.05
N HIS A 118 18.13 -24.66 -27.31
CA HIS A 118 18.62 -25.88 -27.97
C HIS A 118 20.13 -25.87 -28.09
N ALA A 119 20.71 -24.74 -28.51
CA ALA A 119 22.17 -24.65 -28.61
C ALA A 119 22.84 -24.90 -27.27
N PHE A 120 22.21 -24.46 -26.17
CA PHE A 120 22.70 -24.69 -24.82
C PHE A 120 22.45 -26.11 -24.33
N ASP A 121 21.68 -26.91 -25.06
CA ASP A 121 21.26 -28.23 -24.58
C ASP A 121 20.53 -28.09 -23.23
N TYR A 122 19.76 -27.02 -23.07
CA TYR A 122 19.25 -26.62 -21.76
C TYR A 122 17.93 -27.32 -21.47
N GLY A 123 17.96 -28.26 -20.53
CA GLY A 123 16.75 -28.92 -20.05
C GLY A 123 16.02 -29.62 -21.19
N ASN A 124 14.70 -29.58 -21.14
CA ASN A 124 13.95 -30.16 -22.25
C ASN A 124 13.81 -29.17 -23.41
N GLU A 125 14.46 -28.01 -23.31
CA GLU A 125 14.59 -27.06 -24.42
C GLU A 125 13.23 -26.61 -24.95
N ASP A 126 12.19 -26.73 -24.13
CA ASP A 126 10.81 -26.52 -24.54
C ASP A 126 10.28 -25.24 -23.92
N ILE A 127 10.04 -24.22 -24.76
CA ILE A 127 9.56 -22.93 -24.28
C ILE A 127 8.04 -22.80 -24.43
N SER A 128 7.32 -23.91 -24.61
CA SER A 128 5.87 -23.85 -24.74
C SER A 128 5.29 -23.11 -23.55
N GLY A 129 4.30 -22.26 -23.83
CA GLY A 129 3.74 -21.40 -22.80
C GLY A 129 3.92 -19.96 -23.20
N ASN A 130 3.75 -19.05 -22.25
CA ASN A 130 3.90 -17.63 -22.56
C ASN A 130 5.38 -17.26 -22.57
N VAL A 131 5.80 -16.51 -23.59
CA VAL A 131 7.21 -16.17 -23.70
C VAL A 131 7.69 -15.39 -22.48
N ASP A 132 6.78 -14.66 -21.81
CA ASP A 132 7.22 -13.87 -20.66
C ASP A 132 6.99 -14.58 -19.34
N SER A 133 6.70 -15.89 -19.36
CA SER A 133 6.56 -16.59 -18.09
C SER A 133 6.84 -18.09 -18.19
N PHE A 134 7.32 -18.60 -19.32
CA PHE A 134 7.36 -20.06 -19.51
C PHE A 134 8.25 -20.75 -18.48
N TRP A 135 9.28 -20.06 -17.98
CA TRP A 135 10.16 -20.65 -16.98
C TRP A 135 9.52 -20.70 -15.60
N LEU A 136 8.35 -20.09 -15.44
CA LEU A 136 7.58 -20.11 -14.20
C LEU A 136 6.34 -20.99 -14.27
N ASP A 137 5.66 -21.05 -15.44
CA ASP A 137 4.47 -21.87 -15.53
C ASP A 137 4.23 -22.46 -16.93
N GLY A 138 5.25 -22.54 -17.77
CA GLY A 138 5.15 -23.16 -19.06
C GLY A 138 5.70 -24.57 -19.02
N GLY A 139 6.11 -25.05 -20.19
CA GLY A 139 6.46 -26.45 -20.33
C GLY A 139 7.92 -26.78 -20.10
N ILE A 140 8.78 -25.79 -19.85
CA ILE A 140 10.21 -26.05 -19.72
C ILE A 140 10.48 -26.74 -18.39
N ARG A 141 11.41 -27.69 -18.41
CA ARG A 141 11.78 -28.45 -17.24
C ARG A 141 13.28 -28.71 -17.28
N ILE A 142 13.90 -28.82 -16.10
CA ILE A 142 15.32 -29.14 -16.01
C ILE A 142 15.56 -29.86 -14.69
N SER A 143 16.43 -30.86 -14.71
CA SER A 143 16.84 -31.62 -13.54
C SER A 143 18.10 -31.03 -12.90
N ALA A 144 18.37 -31.45 -11.67
CA ALA A 144 19.57 -31.01 -10.98
C ALA A 144 20.84 -31.45 -11.73
N THR A 145 20.84 -32.67 -12.28
CA THR A 145 22.01 -33.12 -13.02
C THR A 145 22.17 -32.32 -14.31
N GLU A 146 21.05 -31.98 -14.96
CA GLU A 146 21.12 -31.14 -16.15
C GLU A 146 21.59 -29.72 -15.82
N GLN A 147 21.24 -29.19 -14.65
CA GLN A 147 21.78 -27.90 -14.24
C GLN A 147 23.30 -27.97 -14.15
N ILE A 148 23.84 -29.06 -13.60
CA ILE A 148 25.29 -29.20 -13.48
C ILE A 148 25.93 -29.16 -14.86
N SER A 149 25.39 -29.93 -15.82
CA SER A 149 25.98 -30.01 -17.15
C SER A 149 26.03 -28.64 -17.81
N PHE A 150 24.95 -27.87 -17.66
CA PHE A 150 24.89 -26.52 -18.22
C PHE A 150 25.89 -25.59 -17.53
N LEU A 151 25.94 -25.65 -16.20
CA LEU A 151 26.87 -24.81 -15.45
C LEU A 151 28.33 -25.13 -15.78
N ARG A 152 28.64 -26.40 -16.01
CA ARG A 152 30.02 -26.74 -16.35
C ARG A 152 30.43 -26.11 -17.68
N LYS A 153 29.52 -26.10 -18.66
CA LYS A 153 29.79 -25.43 -19.92
C LYS A 153 30.02 -23.94 -19.70
N LEU A 154 29.18 -23.31 -18.89
CA LEU A 154 29.35 -21.87 -18.61
C LEU A 154 30.69 -21.61 -17.95
N TYR A 155 31.03 -22.43 -16.95
CA TYR A 155 32.30 -22.24 -16.25
C TYR A 155 33.47 -22.25 -17.23
N HIS A 156 33.42 -23.15 -18.21
CA HIS A 156 34.52 -23.33 -19.17
C HIS A 156 34.37 -22.47 -20.40
N ASN A 157 33.41 -21.55 -20.42
CA ASN A 157 33.15 -20.69 -21.58
C ASN A 157 32.85 -21.52 -22.83
N LYS A 158 32.20 -22.67 -22.67
CA LYS A 158 31.93 -23.54 -23.80
C LYS A 158 30.52 -23.38 -24.37
N LEU A 159 29.68 -22.51 -23.80
CA LEU A 159 28.37 -22.32 -24.39
C LEU A 159 28.48 -21.55 -25.70
N HIS A 160 27.46 -21.70 -26.54
CA HIS A 160 27.51 -21.10 -27.87
C HIS A 160 27.03 -19.65 -27.82
N VAL A 161 27.68 -18.88 -26.96
CA VAL A 161 27.61 -17.43 -26.95
C VAL A 161 29.04 -16.93 -26.73
N SER A 162 29.23 -15.62 -26.82
CA SER A 162 30.58 -15.09 -26.75
C SER A 162 31.20 -15.32 -25.36
N GLU A 163 32.52 -15.31 -25.32
CA GLU A 163 33.22 -15.35 -24.04
C GLU A 163 32.79 -14.19 -23.14
N ARG A 164 32.66 -13.00 -23.72
CA ARG A 164 32.24 -11.83 -22.94
C ARG A 164 30.90 -12.07 -22.25
N SER A 165 29.91 -12.56 -22.99
CA SER A 165 28.61 -12.82 -22.39
C SER A 165 28.73 -13.77 -21.20
N GLN A 166 29.57 -14.79 -21.33
CA GLN A 166 29.69 -15.77 -20.26
C GLN A 166 30.41 -15.17 -19.05
N ARG A 167 31.45 -14.36 -19.28
CA ARG A 167 32.13 -13.69 -18.18
C ARG A 167 31.18 -12.75 -17.44
N ILE A 168 30.38 -11.99 -18.19
CA ILE A 168 29.47 -11.06 -17.53
C ILE A 168 28.47 -11.81 -16.66
N VAL A 169 27.91 -12.91 -17.17
CA VAL A 169 26.91 -13.63 -16.37
C VAL A 169 27.56 -14.25 -15.14
N LYS A 170 28.78 -14.78 -15.28
CA LYS A 170 29.45 -15.36 -14.12
C LYS A 170 29.78 -14.28 -13.09
N GLN A 171 30.13 -13.07 -13.53
CA GLN A 171 30.23 -11.95 -12.60
C GLN A 171 28.90 -11.70 -11.90
N ALA A 172 27.80 -11.67 -12.66
CA ALA A 172 26.50 -11.41 -12.06
C ALA A 172 26.06 -12.56 -11.15
N MET A 173 26.62 -13.75 -11.30
CA MET A 173 26.28 -14.87 -10.44
C MET A 173 27.02 -14.83 -9.11
N LEU A 174 27.98 -13.93 -8.94
CA LEU A 174 28.74 -13.87 -7.70
C LEU A 174 27.82 -13.72 -6.50
N THR A 175 27.92 -14.63 -5.56
CA THR A 175 27.07 -14.68 -4.37
C THR A 175 27.85 -14.51 -3.08
N GLU A 176 29.01 -15.16 -2.97
CA GLU A 176 29.80 -15.10 -1.74
C GLU A 176 31.25 -15.29 -2.10
N ALA A 177 32.12 -14.60 -1.38
CA ALA A 177 33.56 -14.76 -1.57
C ALA A 177 34.25 -14.44 -0.26
N ASN A 178 35.22 -15.27 0.10
CA ASN A 178 36.06 -15.01 1.25
C ASN A 178 37.41 -15.65 0.97
N GLY A 179 38.26 -15.72 2.01
CA GLY A 179 39.59 -16.27 1.83
C GLY A 179 39.64 -17.75 1.55
N ASP A 180 38.51 -18.46 1.71
CA ASP A 180 38.48 -19.91 1.55
C ASP A 180 37.77 -20.37 0.28
N TYR A 181 36.81 -19.61 -0.22
CA TYR A 181 36.06 -20.07 -1.39
C TYR A 181 35.33 -18.90 -2.03
N ILE A 182 34.90 -19.14 -3.27
CA ILE A 182 33.99 -18.26 -3.99
C ILE A 182 32.79 -19.09 -4.42
N ILE A 183 31.60 -18.56 -4.20
CA ILE A 183 30.36 -19.19 -4.67
C ILE A 183 29.76 -18.30 -5.74
N ARG A 184 29.56 -18.87 -6.93
CA ARG A 184 28.76 -18.29 -7.98
C ARG A 184 27.53 -19.16 -8.16
N ALA A 185 26.34 -18.56 -8.10
CA ALA A 185 25.13 -19.36 -8.02
C ALA A 185 23.91 -18.51 -8.33
N LYS A 186 22.77 -19.18 -8.45
CA LYS A 186 21.48 -18.51 -8.62
C LYS A 186 20.40 -19.31 -7.90
N THR A 187 19.59 -18.61 -7.12
CA THR A 187 18.44 -19.21 -6.45
C THR A 187 17.25 -19.31 -7.38
N GLY A 188 16.34 -20.21 -7.03
CA GLY A 188 15.07 -20.31 -7.72
C GLY A 188 13.98 -20.68 -6.74
N TYR A 189 12.75 -20.26 -7.05
CA TYR A 189 11.58 -20.50 -6.21
C TYR A 189 10.39 -20.73 -7.12
N SER A 190 9.94 -21.98 -7.22
CA SER A 190 8.88 -22.39 -8.13
C SER A 190 7.60 -22.63 -7.34
N THR A 191 6.56 -21.82 -7.60
CA THR A 191 5.28 -21.96 -6.90
C THR A 191 4.06 -22.18 -7.79
N ARG A 192 4.15 -21.85 -9.09
CA ARG A 192 2.95 -21.86 -9.92
C ARG A 192 2.53 -23.26 -10.34
N ILE A 193 3.45 -24.23 -10.34
CA ILE A 193 3.13 -25.59 -10.72
C ILE A 193 3.64 -26.51 -9.63
N GLU A 194 2.80 -27.48 -9.26
CA GLU A 194 3.17 -28.41 -8.21
C GLU A 194 4.23 -29.39 -8.72
N PRO A 195 5.15 -29.83 -7.86
CA PRO A 195 5.30 -29.45 -6.45
C PRO A 195 6.10 -28.16 -6.30
N LYS A 196 5.72 -27.32 -5.33
CA LYS A 196 6.47 -26.10 -5.08
C LYS A 196 7.85 -26.46 -4.54
N ILE A 197 8.89 -25.88 -5.13
CA ILE A 197 10.26 -26.18 -4.76
C ILE A 197 11.11 -24.92 -4.72
N GLY A 198 12.23 -25.02 -4.02
CA GLY A 198 13.31 -24.05 -4.10
C GLY A 198 14.51 -24.68 -4.78
N TRP A 199 15.24 -23.86 -5.51
CA TRP A 199 16.47 -24.24 -6.19
C TRP A 199 17.65 -23.45 -5.62
N TRP A 200 18.83 -24.07 -5.65
CA TRP A 200 20.08 -23.31 -5.61
C TRP A 200 21.08 -24.08 -6.46
N VAL A 201 21.60 -23.43 -7.50
CA VAL A 201 22.54 -24.06 -8.43
C VAL A 201 23.71 -23.11 -8.66
N GLY A 202 24.90 -23.69 -8.84
CA GLY A 202 26.09 -22.89 -9.08
C GLY A 202 27.36 -23.69 -8.87
N TRP A 203 28.39 -23.06 -8.33
CA TRP A 203 29.61 -23.80 -8.05
C TRP A 203 30.40 -23.10 -6.96
N VAL A 204 31.31 -23.86 -6.37
CA VAL A 204 32.23 -23.41 -5.34
C VAL A 204 33.64 -23.48 -5.94
N GLU A 205 34.28 -22.33 -6.04
CA GLU A 205 35.65 -22.24 -6.53
C GLU A 205 36.62 -22.34 -5.36
N LEU A 206 37.54 -23.29 -5.44
CA LEU A 206 38.63 -23.43 -4.49
C LEU A 206 39.95 -23.10 -5.19
N ASP A 207 41.02 -23.02 -4.41
CA ASP A 207 42.33 -22.74 -4.99
C ASP A 207 42.66 -23.69 -6.13
N ASP A 208 42.35 -24.99 -5.96
CA ASP A 208 42.84 -26.02 -6.87
C ASP A 208 41.74 -26.95 -7.39
N ASN A 209 40.48 -26.56 -7.29
CA ASN A 209 39.38 -27.41 -7.76
C ASN A 209 38.13 -26.53 -7.83
N VAL A 210 37.10 -27.07 -8.48
CA VAL A 210 35.78 -26.47 -8.52
C VAL A 210 34.77 -27.57 -8.23
N TRP A 211 33.83 -27.28 -7.34
CA TRP A 211 32.73 -28.19 -7.01
C TRP A 211 31.44 -27.56 -7.52
N PHE A 212 30.85 -28.16 -8.54
CA PHE A 212 29.54 -27.72 -9.01
C PHE A 212 28.45 -28.31 -8.12
N PHE A 213 27.37 -27.56 -7.94
CA PHE A 213 26.27 -28.06 -7.13
C PHE A 213 24.93 -27.65 -7.73
N ALA A 214 23.93 -28.48 -7.47
CA ALA A 214 22.55 -28.16 -7.82
C ALA A 214 21.68 -28.88 -6.82
N MET A 215 20.81 -28.12 -6.15
CA MET A 215 19.89 -28.68 -5.18
C MET A 215 18.50 -28.16 -5.45
N ASN A 216 17.51 -28.99 -5.18
CA ASN A 216 16.15 -28.48 -5.05
C ASN A 216 15.50 -29.18 -3.87
N MET A 217 14.46 -28.56 -3.35
CA MET A 217 13.83 -29.04 -2.14
C MET A 217 12.38 -28.59 -2.12
N ASP A 218 11.55 -29.38 -1.46
CA ASP A 218 10.15 -29.02 -1.28
C ASP A 218 10.05 -27.70 -0.53
N MET A 219 9.14 -26.85 -0.96
CA MET A 219 9.01 -25.49 -0.43
C MET A 219 7.53 -25.16 -0.31
N PRO A 220 6.84 -25.77 0.66
CA PRO A 220 5.40 -25.53 0.79
C PRO A 220 5.04 -24.09 1.15
N THR A 221 5.94 -23.36 1.80
CA THR A 221 5.76 -21.94 2.05
C THR A 221 7.10 -21.24 1.91
N SER A 222 7.04 -19.91 1.79
CA SER A 222 8.25 -19.12 1.65
C SER A 222 9.08 -19.10 2.93
N ASP A 223 8.56 -19.63 4.04
CA ASP A 223 9.29 -19.57 5.30
C ASP A 223 10.59 -20.36 5.26
N GLY A 224 10.69 -21.36 4.39
CA GLY A 224 11.87 -22.21 4.33
C GLY A 224 12.91 -21.82 3.28
N LEU A 225 12.77 -20.66 2.64
CA LEU A 225 13.65 -20.35 1.52
C LEU A 225 15.12 -20.34 1.95
N GLY A 226 15.39 -19.87 3.16
CA GLY A 226 16.77 -19.85 3.65
C GLY A 226 17.40 -21.23 3.75
N LEU A 227 16.58 -22.28 3.77
CA LEU A 227 17.12 -23.64 3.87
C LEU A 227 17.84 -24.07 2.61
N ARG A 228 17.53 -23.45 1.46
CA ARG A 228 18.23 -23.81 0.24
C ARG A 228 19.73 -23.66 0.39
N GLN A 229 20.18 -22.50 0.87
CA GLN A 229 21.61 -22.27 1.08
C GLN A 229 22.11 -23.00 2.30
N ALA A 230 21.32 -23.02 3.37
CA ALA A 230 21.77 -23.62 4.62
C ALA A 230 22.02 -25.11 4.45
N ILE A 231 21.09 -25.83 3.80
CA ILE A 231 21.26 -27.27 3.60
C ILE A 231 22.43 -27.55 2.67
N THR A 232 22.53 -26.81 1.57
CA THR A 232 23.67 -26.99 0.67
C THR A 232 24.98 -26.83 1.42
N LYS A 233 25.09 -25.80 2.25
CA LYS A 233 26.33 -25.56 2.94
C LYS A 233 26.62 -26.65 3.97
N GLU A 234 25.58 -27.22 4.58
CA GLU A 234 25.81 -28.33 5.51
C GLU A 234 26.39 -29.53 4.77
N VAL A 235 25.90 -29.79 3.56
CA VAL A 235 26.48 -30.87 2.76
C VAL A 235 27.91 -30.52 2.39
N LEU A 236 28.15 -29.28 1.97
CA LEU A 236 29.51 -28.87 1.62
C LEU A 236 30.45 -29.00 2.80
N LYS A 237 30.00 -28.60 3.99
CA LYS A 237 30.83 -28.74 5.18
C LYS A 237 31.10 -30.21 5.50
N GLN A 238 30.07 -31.06 5.40
CA GLN A 238 30.25 -32.48 5.69
C GLN A 238 31.28 -33.12 4.77
N GLU A 239 31.28 -32.71 3.50
CA GLU A 239 32.23 -33.24 2.53
C GLU A 239 33.56 -32.50 2.54
N LYS A 240 33.75 -31.59 3.51
CA LYS A 240 35.02 -30.88 3.72
C LYS A 240 35.39 -30.05 2.50
N ILE A 241 34.38 -29.57 1.78
CA ILE A 241 34.60 -28.66 0.66
C ILE A 241 34.76 -27.24 1.15
N ILE A 242 34.05 -26.86 2.21
CA ILE A 242 34.22 -25.56 2.85
C ILE A 242 34.42 -25.83 4.35
N PRO A 243 35.14 -24.98 5.07
CA PRO A 243 35.31 -25.19 6.51
C PRO A 243 34.01 -25.01 7.28
N GLU B 2 -29.27 10.13 -7.42
CA GLU B 2 -29.00 8.85 -8.07
C GLU B 2 -28.05 7.98 -7.25
N TRP B 3 -27.00 8.58 -6.70
CA TRP B 3 -25.99 7.85 -5.95
C TRP B 3 -25.85 8.45 -4.57
N GLN B 4 -25.81 7.59 -3.55
CA GLN B 4 -25.69 8.02 -2.17
C GLN B 4 -24.57 7.28 -1.49
N GLU B 5 -23.76 8.02 -0.73
CA GLU B 5 -22.64 7.45 0.00
C GLU B 5 -23.08 7.23 1.44
N ASN B 6 -22.86 6.02 1.94
CA ASN B 6 -23.23 5.63 3.30
C ASN B 6 -21.98 5.08 3.99
N LYS B 7 -21.25 5.95 4.66
CA LYS B 7 -20.02 5.51 5.31
C LYS B 7 -20.27 4.63 6.53
N SER B 8 -21.51 4.52 7.00
CA SER B 8 -21.77 3.63 8.14
C SER B 8 -21.44 2.19 7.81
N TRP B 9 -21.45 1.81 6.53
CA TRP B 9 -21.03 0.47 6.15
C TRP B 9 -19.55 0.21 6.43
N ASN B 10 -18.73 1.26 6.53
CA ASN B 10 -17.32 1.03 6.81
C ASN B 10 -17.13 0.23 8.09
N ALA B 11 -18.07 0.34 9.03
CA ALA B 11 -17.96 -0.43 10.27
C ALA B 11 -17.86 -1.92 9.97
N HIS B 12 -18.57 -2.40 8.95
CA HIS B 12 -18.54 -3.83 8.64
C HIS B 12 -17.16 -4.25 8.16
N PHE B 13 -16.41 -3.35 7.53
CA PHE B 13 -15.03 -3.66 7.15
C PHE B 13 -14.10 -3.50 8.35
N THR B 14 -14.27 -2.42 9.12
CA THR B 14 -13.39 -2.12 10.24
C THR B 14 -13.45 -3.17 11.33
N GLU B 15 -14.64 -3.71 11.62
CA GLU B 15 -14.74 -4.73 12.64
C GLU B 15 -13.92 -5.96 12.31
N HIS B 16 -13.68 -6.21 11.03
CA HIS B 16 -12.83 -7.31 10.60
C HIS B 16 -11.44 -6.83 10.20
N LYS B 17 -11.04 -5.65 10.67
CA LYS B 17 -9.72 -5.10 10.39
C LYS B 17 -9.42 -5.10 8.89
N SER B 18 -10.45 -4.77 8.10
CA SER B 18 -10.37 -4.79 6.65
C SER B 18 -10.72 -3.42 6.08
N GLN B 19 -10.58 -3.30 4.76
CA GLN B 19 -10.94 -2.10 4.03
C GLN B 19 -11.52 -2.53 2.69
N GLY B 20 -12.53 -1.83 2.21
CA GLY B 20 -13.13 -2.18 0.93
C GLY B 20 -14.32 -1.33 0.61
N VAL B 21 -15.05 -1.75 -0.42
CA VAL B 21 -16.22 -1.04 -0.91
C VAL B 21 -17.30 -2.06 -1.24
N VAL B 22 -18.52 -1.73 -0.88
CA VAL B 22 -19.72 -2.41 -1.37
C VAL B 22 -20.52 -1.40 -2.18
N VAL B 23 -20.99 -1.83 -3.33
CA VAL B 23 -21.88 -1.03 -4.18
C VAL B 23 -23.17 -1.81 -4.34
N LEU B 24 -24.29 -1.14 -4.10
CA LEU B 24 -25.63 -1.71 -4.25
C LEU B 24 -26.41 -0.90 -5.27
N TRP B 25 -27.24 -1.57 -6.05
CA TRP B 25 -28.11 -0.90 -7.01
C TRP B 25 -29.52 -1.45 -6.85
N ASN B 26 -30.47 -0.56 -6.54
CA ASN B 26 -31.89 -0.89 -6.42
C ASN B 26 -32.50 -0.76 -7.80
N GLU B 27 -32.83 -1.90 -8.42
CA GLU B 27 -33.28 -1.87 -9.81
C GLU B 27 -34.62 -1.14 -9.95
N ASN B 28 -35.56 -1.40 -9.05
CA ASN B 28 -36.86 -0.74 -9.16
C ASN B 28 -36.71 0.77 -9.12
N LYS B 29 -35.95 1.27 -8.16
CA LYS B 29 -35.84 2.71 -7.93
C LYS B 29 -34.72 3.35 -8.74
N GLN B 30 -33.87 2.56 -9.38
CA GLN B 30 -32.75 3.09 -10.15
C GLN B 30 -31.88 4.01 -9.30
N GLN B 31 -31.52 3.52 -8.12
CA GLN B 31 -30.70 4.28 -7.19
C GLN B 31 -29.57 3.38 -6.70
N GLY B 32 -28.39 3.96 -6.57
CA GLY B 32 -27.20 3.25 -6.14
C GLY B 32 -26.73 3.74 -4.78
N PHE B 33 -26.02 2.87 -4.08
CA PHE B 33 -25.54 3.13 -2.72
C PHE B 33 -24.15 2.53 -2.56
N THR B 34 -23.26 3.25 -1.88
CA THR B 34 -21.93 2.72 -1.63
C THR B 34 -21.32 3.41 -0.41
N ASN B 35 -20.38 2.71 0.23
CA ASN B 35 -19.65 3.31 1.34
C ASN B 35 -18.47 4.15 0.90
N ASN B 36 -18.05 4.06 -0.37
CA ASN B 36 -16.83 4.74 -0.80
C ASN B 36 -16.97 5.05 -2.29
N LEU B 37 -17.44 6.26 -2.60
CA LEU B 37 -17.61 6.66 -3.99
C LEU B 37 -16.31 6.54 -4.76
N LYS B 38 -15.19 6.94 -4.16
CA LYS B 38 -13.92 6.85 -4.87
C LYS B 38 -13.60 5.40 -5.20
N ARG B 39 -13.56 4.54 -4.18
CA ARG B 39 -13.15 3.16 -4.43
C ARG B 39 -14.16 2.43 -5.30
N ALA B 40 -15.44 2.82 -5.23
CA ALA B 40 -16.46 2.25 -6.11
C ALA B 40 -16.10 2.40 -7.57
N ASN B 41 -15.34 3.45 -7.92
CA ASN B 41 -14.99 3.73 -9.32
C ASN B 41 -13.52 3.45 -9.63
N GLN B 42 -12.77 2.88 -8.70
CA GLN B 42 -11.39 2.49 -8.95
C GLN B 42 -11.35 1.14 -9.64
N ALA B 43 -10.42 1.00 -10.59
CA ALA B 43 -10.37 -0.15 -11.48
C ALA B 43 -9.39 -1.21 -10.99
N PHE B 44 -9.87 -2.44 -10.83
CA PHE B 44 -9.03 -3.55 -10.39
C PHE B 44 -9.04 -4.67 -11.42
N LEU B 45 -8.07 -5.58 -11.30
CA LEU B 45 -8.13 -6.81 -12.05
C LEU B 45 -9.44 -7.53 -11.74
N PRO B 46 -10.17 -8.02 -12.75
CA PRO B 46 -11.41 -8.75 -12.46
C PRO B 46 -11.17 -10.12 -11.86
N ALA B 47 -10.00 -10.72 -12.08
CA ALA B 47 -9.70 -12.07 -11.65
C ALA B 47 -10.89 -12.98 -11.98
N SER B 48 -11.29 -13.87 -11.08
CA SER B 48 -12.27 -14.88 -11.46
C SER B 48 -13.67 -14.33 -11.69
N THR B 49 -13.95 -13.06 -11.40
CA THR B 49 -15.23 -12.51 -11.86
C THR B 49 -15.26 -12.47 -13.39
N PHE B 50 -14.12 -12.59 -14.04
CA PHE B 50 -14.08 -12.60 -15.50
C PHE B 50 -14.69 -13.88 -16.06
N KCX B 51 -14.90 -14.88 -15.20
CA KCX B 51 -15.51 -16.12 -15.65
CB KCX B 51 -15.45 -17.18 -14.55
CG KCX B 51 -14.01 -17.69 -14.33
CD KCX B 51 -13.95 -18.91 -13.44
CE KCX B 51 -12.53 -19.49 -13.37
NZ KCX B 51 -11.64 -18.51 -12.73
C KCX B 51 -16.95 -15.87 -16.13
O KCX B 51 -17.49 -16.66 -16.88
CX KCX B 51 -10.80 -17.78 -13.47
OQ1 KCX B 51 -10.77 -17.95 -14.70
OQ2 KCX B 51 -10.05 -16.94 -12.95
H KCX B 51 -14.69 -14.86 -14.36
HA KCX B 51 -15.01 -16.46 -16.42
HB2 KCX B 51 -15.99 -17.94 -14.82
HG2 KCX B 51 -13.50 -16.99 -13.89
HD2 KCX B 51 -14.22 -18.68 -12.54
HE2 KCX B 51 -12.55 -20.29 -12.84
N ILE B 52 -17.56 -14.75 -15.73
CA ILE B 52 -18.89 -14.44 -16.23
C ILE B 52 -18.83 -14.10 -17.73
N PRO B 53 -18.08 -13.06 -18.12
CA PRO B 53 -17.98 -12.79 -19.57
C PRO B 53 -17.32 -13.91 -20.33
N ASN B 54 -16.32 -14.56 -19.74
CA ASN B 54 -15.64 -15.65 -20.43
C ASN B 54 -16.62 -16.77 -20.77
N SER B 55 -17.48 -17.12 -19.82
CA SER B 55 -18.50 -18.14 -20.07
C SER B 55 -19.43 -17.71 -21.20
N LEU B 56 -19.89 -16.45 -21.16
CA LEU B 56 -20.81 -15.96 -22.19
C LEU B 56 -20.19 -16.10 -23.56
N ILE B 57 -18.93 -15.71 -23.70
CA ILE B 57 -18.27 -15.71 -25.00
C ILE B 57 -18.06 -17.14 -25.47
N ALA B 58 -17.58 -18.01 -24.58
CA ALA B 58 -17.35 -19.40 -24.95
C ALA B 58 -18.62 -20.07 -25.40
N LEU B 59 -19.74 -19.82 -24.71
CA LEU B 59 -21.01 -20.40 -25.13
C LEU B 59 -21.46 -19.84 -26.47
N ASP B 60 -21.38 -18.52 -26.65
CA ASP B 60 -21.94 -17.92 -27.86
C ASP B 60 -21.16 -18.33 -29.10
N LEU B 61 -19.87 -18.61 -28.96
CA LEU B 61 -19.04 -19.04 -30.07
C LEU B 61 -19.03 -20.56 -30.26
N GLY B 62 -19.67 -21.31 -29.37
CA GLY B 62 -19.67 -22.76 -29.48
C GLY B 62 -18.43 -23.43 -28.93
N VAL B 63 -17.52 -22.68 -28.28
CA VAL B 63 -16.42 -23.30 -27.57
C VAL B 63 -16.95 -24.21 -26.47
N VAL B 64 -18.01 -23.77 -25.80
CA VAL B 64 -18.75 -24.59 -24.84
C VAL B 64 -20.12 -24.86 -25.45
N LYS B 65 -20.46 -26.14 -25.59
CA LYS B 65 -21.70 -26.51 -26.25
C LYS B 65 -22.91 -26.24 -25.36
N ASP B 66 -22.81 -26.63 -24.08
CA ASP B 66 -23.87 -26.41 -23.10
C ASP B 66 -23.27 -26.64 -21.71
N GLU B 67 -24.12 -26.54 -20.69
CA GLU B 67 -23.65 -26.61 -19.32
C GLU B 67 -23.36 -28.03 -18.86
N HIS B 68 -23.53 -29.02 -19.73
CA HIS B 68 -23.25 -30.42 -19.43
C HIS B 68 -21.93 -30.90 -19.99
N GLN B 69 -21.38 -30.20 -20.98
CA GLN B 69 -20.13 -30.64 -21.60
C GLN B 69 -19.05 -30.79 -20.55
N VAL B 70 -18.32 -31.90 -20.61
CA VAL B 70 -17.31 -32.23 -19.62
C VAL B 70 -15.96 -31.76 -20.13
N PHE B 71 -15.26 -31.00 -19.31
CA PHE B 71 -13.89 -30.56 -19.60
C PHE B 71 -12.99 -31.43 -18.74
N LYS B 72 -12.35 -32.41 -19.38
CA LYS B 72 -11.57 -33.39 -18.66
C LYS B 72 -10.36 -32.72 -18.02
N TRP B 73 -10.08 -33.11 -16.78
CA TRP B 73 -8.83 -32.71 -16.13
C TRP B 73 -7.65 -33.07 -17.01
N ASP B 74 -6.72 -32.14 -17.16
CA ASP B 74 -5.55 -32.40 -17.99
C ASP B 74 -4.52 -33.29 -17.30
N GLY B 75 -4.80 -33.76 -16.10
CA GLY B 75 -3.89 -34.65 -15.43
C GLY B 75 -2.72 -33.98 -14.76
N GLN B 76 -2.67 -32.66 -14.74
CA GLN B 76 -1.61 -31.93 -14.08
C GLN B 76 -2.07 -31.59 -12.67
N THR B 77 -1.35 -32.10 -11.68
CA THR B 77 -1.74 -31.91 -10.29
C THR B 77 -1.51 -30.46 -9.88
N ARG B 78 -2.59 -29.78 -9.47
CA ARG B 78 -2.53 -28.40 -9.01
C ARG B 78 -2.84 -28.36 -7.51
N ASP B 79 -2.59 -27.20 -6.90
CA ASP B 79 -2.66 -27.11 -5.45
C ASP B 79 -4.08 -26.91 -4.94
N ILE B 80 -5.05 -26.72 -5.83
CA ILE B 80 -6.46 -26.65 -5.44
C ILE B 80 -7.08 -28.01 -5.76
N ALA B 81 -7.42 -28.77 -4.72
CA ALA B 81 -7.84 -30.15 -4.92
C ALA B 81 -9.03 -30.26 -5.87
N THR B 82 -10.02 -29.37 -5.72
CA THR B 82 -11.22 -29.45 -6.56
C THR B 82 -10.93 -29.21 -8.02
N TRP B 83 -9.76 -28.65 -8.36
CA TRP B 83 -9.38 -28.46 -9.75
C TRP B 83 -8.86 -29.74 -10.40
N ASN B 84 -8.45 -30.72 -9.60
CA ASN B 84 -7.85 -31.95 -10.11
C ASN B 84 -8.95 -32.99 -10.38
N ARG B 85 -9.91 -32.59 -11.20
CA ARG B 85 -11.05 -33.44 -11.54
C ARG B 85 -11.70 -32.89 -12.80
N ASP B 86 -12.61 -33.68 -13.36
CA ASP B 86 -13.40 -33.22 -14.49
C ASP B 86 -14.44 -32.20 -14.03
N HIS B 87 -14.79 -31.30 -14.94
CA HIS B 87 -15.75 -30.25 -14.63
C HIS B 87 -16.68 -30.04 -15.82
N ASN B 88 -17.85 -29.48 -15.54
CA ASN B 88 -18.69 -28.85 -16.54
C ASN B 88 -18.75 -27.36 -16.23
N LEU B 89 -19.57 -26.63 -17.01
CA LEU B 89 -19.65 -25.19 -16.81
C LEU B 89 -20.13 -24.85 -15.41
N ILE B 90 -21.08 -25.63 -14.88
CA ILE B 90 -21.63 -25.37 -13.56
C ILE B 90 -20.58 -25.55 -12.48
N THR B 91 -19.91 -26.71 -12.46
CA THR B 91 -18.94 -26.95 -11.39
C THR B 91 -17.69 -26.09 -11.58
N ALA B 92 -17.31 -25.79 -12.83
CA ALA B 92 -16.14 -24.95 -13.05
C ALA B 92 -16.36 -23.53 -12.51
N MET B 93 -17.57 -22.99 -12.67
CA MET B 93 -17.89 -21.73 -12.04
C MET B 93 -17.86 -21.86 -10.53
N LYS B 94 -18.54 -22.87 -10.00
CA LYS B 94 -18.63 -23.05 -8.56
C LYS B 94 -17.26 -23.10 -7.91
N TYR B 95 -16.33 -23.84 -8.50
CA TYR B 95 -15.01 -24.00 -7.91
C TYR B 95 -13.96 -23.08 -8.55
N SER B 96 -14.38 -22.05 -9.28
N SER B 96 -14.39 -22.08 -9.30
CA SER B 96 -13.48 -21.07 -9.88
CA SER B 96 -13.51 -21.07 -9.90
C SER B 96 -12.27 -21.74 -10.53
C SER B 96 -12.29 -21.73 -10.53
N VAL B 97 -12.57 -22.73 -11.38
CA VAL B 97 -11.50 -23.58 -11.94
C VAL B 97 -10.75 -22.85 -13.04
N VAL B 98 -9.72 -22.09 -12.64
CA VAL B 98 -8.96 -21.28 -13.59
C VAL B 98 -8.52 -22.07 -14.82
N PRO B 99 -7.87 -23.23 -14.71
CA PRO B 99 -7.32 -23.86 -15.91
C PRO B 99 -8.35 -24.22 -16.96
N VAL B 100 -9.59 -24.52 -16.57
CA VAL B 100 -10.63 -24.76 -17.56
C VAL B 100 -10.90 -23.50 -18.37
N TYR B 101 -10.97 -22.36 -17.68
CA TYR B 101 -11.26 -21.09 -18.36
C TYR B 101 -10.06 -20.58 -19.15
N GLN B 102 -8.85 -20.94 -18.74
CA GLN B 102 -7.68 -20.61 -19.54
C GLN B 102 -7.77 -21.27 -20.92
N GLU B 103 -8.20 -22.53 -20.96
CA GLU B 103 -8.37 -23.19 -22.25
C GLU B 103 -9.51 -22.55 -23.06
N PHE B 104 -10.62 -22.19 -22.40
CA PHE B 104 -11.66 -21.43 -23.09
C PHE B 104 -11.03 -20.25 -23.81
N ALA B 105 -10.23 -19.47 -23.09
CA ALA B 105 -9.65 -18.25 -23.64
C ALA B 105 -8.76 -18.54 -24.83
N ARG B 106 -7.94 -19.60 -24.75
CA ARG B 106 -7.09 -19.98 -25.88
C ARG B 106 -7.94 -20.32 -27.10
N GLN B 107 -9.05 -21.04 -26.91
CA GLN B 107 -9.90 -21.41 -28.03
C GLN B 107 -10.69 -20.22 -28.56
N ILE B 108 -11.11 -19.31 -27.67
CA ILE B 108 -11.74 -18.07 -28.12
C ILE B 108 -10.76 -17.28 -29.00
N GLY B 109 -9.55 -17.08 -28.50
CA GLY B 109 -8.54 -16.33 -29.22
C GLY B 109 -8.60 -14.84 -28.92
N GLU B 110 -7.46 -14.19 -29.14
CA GLU B 110 -7.31 -12.76 -28.82
C GLU B 110 -8.33 -11.90 -29.57
N ALA B 111 -8.47 -12.13 -30.87
CA ALA B 111 -9.30 -11.25 -31.69
C ALA B 111 -10.76 -11.32 -31.25
N ARG B 112 -11.31 -12.52 -31.13
CA ARG B 112 -12.72 -12.65 -30.77
C ARG B 112 -12.96 -12.22 -29.32
N MET B 113 -12.01 -12.49 -28.43
CA MET B 113 -12.14 -12.04 -27.04
C MET B 113 -12.18 -10.52 -26.98
N SER B 114 -11.26 -9.85 -27.67
CA SER B 114 -11.20 -8.39 -27.65
C SER B 114 -12.48 -7.80 -28.22
N LYS B 115 -12.94 -8.35 -29.34
CA LYS B 115 -14.16 -7.85 -29.98
C LYS B 115 -15.36 -7.96 -29.03
N MET B 116 -15.45 -9.07 -28.31
CA MET B 116 -16.59 -9.31 -27.44
C MET B 116 -16.57 -8.39 -26.22
N LEU B 117 -15.39 -8.18 -25.63
CA LEU B 117 -15.35 -7.31 -24.46
C LEU B 117 -15.69 -5.88 -24.84
N HIS B 118 -15.31 -5.43 -26.04
CA HIS B 118 -15.79 -4.14 -26.53
C HIS B 118 -17.31 -4.14 -26.67
N ALA B 119 -17.86 -5.20 -27.27
CA ALA B 119 -19.31 -5.29 -27.45
C ALA B 119 -20.03 -5.29 -26.10
N PHE B 120 -19.44 -5.92 -25.09
CA PHE B 120 -19.99 -5.92 -23.73
C PHE B 120 -19.78 -4.61 -22.98
N ASP B 121 -18.98 -3.69 -23.52
CA ASP B 121 -18.62 -2.48 -22.78
C ASP B 121 -17.95 -2.84 -21.44
N TYR B 122 -17.13 -3.91 -21.45
CA TYR B 122 -16.66 -4.52 -20.21
C TYR B 122 -15.38 -3.85 -19.74
N GLY B 123 -15.47 -3.09 -18.65
CA GLY B 123 -14.28 -2.51 -18.06
C GLY B 123 -13.57 -1.61 -19.05
N ASN B 124 -12.24 -1.66 -19.03
CA ASN B 124 -11.46 -0.90 -19.99
C ASN B 124 -11.31 -1.64 -21.31
N GLU B 125 -11.96 -2.80 -21.47
CA GLU B 125 -12.07 -3.50 -22.75
C GLU B 125 -10.70 -3.88 -23.33
N ASP B 126 -9.69 -3.99 -22.48
CA ASP B 126 -8.30 -4.15 -22.89
C ASP B 126 -7.81 -5.55 -22.53
N ILE B 127 -7.55 -6.39 -23.53
CA ILE B 127 -7.08 -7.74 -23.27
C ILE B 127 -5.56 -7.84 -23.35
N SER B 128 -4.86 -6.70 -23.29
CA SER B 128 -3.41 -6.73 -23.36
C SER B 128 -2.85 -7.67 -22.30
N GLY B 129 -1.82 -8.42 -22.68
CA GLY B 129 -1.26 -9.45 -21.82
C GLY B 129 -1.39 -10.81 -22.47
N ASN B 130 -1.20 -11.88 -21.71
CA ASN B 130 -1.33 -13.23 -22.24
C ASN B 130 -2.80 -13.60 -22.35
N VAL B 131 -3.18 -14.18 -23.50
CA VAL B 131 -4.58 -14.51 -23.72
C VAL B 131 -5.09 -15.50 -22.68
N ASP B 132 -4.23 -16.32 -22.08
CA ASP B 132 -4.68 -17.30 -21.12
C ASP B 132 -4.51 -16.83 -19.68
N SER B 133 -4.20 -15.54 -19.46
CA SER B 133 -4.10 -15.06 -18.09
C SER B 133 -4.39 -13.58 -17.93
N PHE B 134 -4.85 -12.88 -18.97
CA PHE B 134 -4.89 -11.42 -18.89
C PHE B 134 -5.82 -10.93 -17.79
N TRP B 135 -6.87 -11.69 -17.46
CA TRP B 135 -7.76 -11.28 -16.40
C TRP B 135 -7.15 -11.49 -15.02
N LEU B 136 -5.99 -12.12 -14.96
CA LEU B 136 -5.25 -12.32 -13.71
C LEU B 136 -4.04 -11.41 -13.58
N ASP B 137 -3.34 -11.13 -14.70
CA ASP B 137 -2.15 -10.29 -14.62
C ASP B 137 -1.90 -9.45 -15.87
N GLY B 138 -2.90 -9.23 -16.70
CA GLY B 138 -2.78 -8.40 -17.88
C GLY B 138 -3.30 -7.00 -17.63
N GLY B 139 -3.71 -6.34 -18.70
CA GLY B 139 -4.07 -4.95 -18.62
C GLY B 139 -5.54 -4.68 -18.37
N ILE B 140 -6.38 -5.71 -18.31
CA ILE B 140 -7.81 -5.49 -18.16
C ILE B 140 -8.11 -5.05 -16.73
N ARG B 141 -9.06 -4.12 -16.60
CA ARG B 141 -9.46 -3.57 -15.32
C ARG B 141 -10.96 -3.30 -15.36
N ILE B 142 -11.60 -3.38 -14.20
CA ILE B 142 -13.02 -3.06 -14.07
C ILE B 142 -13.28 -2.56 -12.65
N SER B 143 -14.16 -1.57 -12.54
CA SER B 143 -14.59 -1.04 -11.25
C SER B 143 -15.83 -1.76 -10.74
N ALA B 144 -16.11 -1.60 -9.45
CA ALA B 144 -17.33 -2.17 -8.89
C ALA B 144 -18.57 -1.62 -9.58
N THR B 145 -18.59 -0.31 -9.89
CA THR B 145 -19.76 0.26 -10.56
C THR B 145 -19.88 -0.28 -11.98
N GLU B 146 -18.75 -0.49 -12.66
CA GLU B 146 -18.78 -1.10 -13.98
C GLU B 146 -19.25 -2.55 -13.93
N GLN B 147 -18.92 -3.27 -12.86
CA GLN B 147 -19.45 -4.62 -12.71
C GLN B 147 -20.97 -4.60 -12.67
N ILE B 148 -21.54 -3.66 -11.91
CA ILE B 148 -23.00 -3.55 -11.83
C ILE B 148 -23.60 -3.25 -13.20
N SER B 149 -23.02 -2.30 -13.93
CA SER B 149 -23.56 -1.97 -15.25
C SER B 149 -23.57 -3.21 -16.15
N PHE B 150 -22.50 -4.01 -16.10
CA PHE B 150 -22.44 -5.24 -16.89
C PHE B 150 -23.45 -6.26 -16.41
N LEU B 151 -23.55 -6.46 -15.09
CA LEU B 151 -24.49 -7.43 -14.55
C LEU B 151 -25.94 -7.07 -14.87
N ARG B 152 -26.27 -5.77 -14.86
CA ARG B 152 -27.64 -5.39 -15.18
C ARG B 152 -28.00 -5.77 -16.61
N LYS B 153 -27.07 -5.59 -17.54
CA LYS B 153 -27.31 -6.01 -18.92
C LYS B 153 -27.55 -7.51 -18.99
N LEU B 154 -26.71 -8.29 -18.29
CA LEU B 154 -26.88 -9.74 -18.28
C LEU B 154 -28.23 -10.14 -17.71
N TYR B 155 -28.63 -9.51 -16.60
CA TYR B 155 -29.92 -9.82 -15.99
C TYR B 155 -31.05 -9.62 -16.99
N HIS B 156 -30.97 -8.56 -17.79
CA HIS B 156 -32.02 -8.20 -18.72
C HIS B 156 -31.82 -8.81 -20.11
N ASN B 157 -30.88 -9.73 -20.26
CA ASN B 157 -30.58 -10.36 -21.55
C ASN B 157 -30.24 -9.33 -22.62
N LYS B 158 -29.59 -8.23 -22.23
CA LYS B 158 -29.27 -7.14 -23.15
C LYS B 158 -27.84 -7.18 -23.68
N LEU B 159 -27.01 -8.14 -23.27
CA LEU B 159 -25.68 -8.24 -23.84
C LEU B 159 -25.76 -8.77 -25.26
N HIS B 160 -24.72 -8.48 -26.04
CA HIS B 160 -24.72 -8.86 -27.45
C HIS B 160 -24.25 -10.29 -27.64
N VAL B 161 -24.91 -11.22 -26.94
CA VAL B 161 -24.83 -12.65 -27.20
C VAL B 161 -26.27 -13.16 -27.11
N SER B 162 -26.45 -14.44 -27.45
CA SER B 162 -27.81 -14.95 -27.53
C SER B 162 -28.46 -14.98 -26.16
N GLU B 163 -29.80 -14.95 -26.16
CA GLU B 163 -30.53 -15.13 -24.90
C GLU B 163 -30.13 -16.44 -24.23
N ARG B 164 -29.98 -17.51 -25.01
CA ARG B 164 -29.59 -18.80 -24.46
C ARG B 164 -28.27 -18.71 -23.70
N SER B 165 -27.26 -18.10 -24.31
CA SER B 165 -25.98 -17.97 -23.63
C SER B 165 -26.12 -17.24 -22.30
N GLN B 166 -26.96 -16.20 -22.27
CA GLN B 166 -27.11 -15.44 -21.04
C GLN B 166 -27.87 -16.23 -19.99
N ARG B 167 -28.90 -16.98 -20.39
CA ARG B 167 -29.63 -17.83 -19.46
C ARG B 167 -28.72 -18.90 -18.85
N ILE B 168 -27.89 -19.54 -19.67
CA ILE B 168 -27.00 -20.59 -19.16
C ILE B 168 -26.03 -20.01 -18.14
N VAL B 169 -25.45 -18.84 -18.42
CA VAL B 169 -24.48 -18.28 -17.50
C VAL B 169 -25.16 -17.88 -16.19
N LYS B 170 -26.39 -17.34 -16.26
CA LYS B 170 -27.08 -16.98 -15.03
C LYS B 170 -27.45 -18.22 -14.23
N GLN B 171 -27.78 -19.32 -14.90
CA GLN B 171 -27.89 -20.59 -14.19
C GLN B 171 -26.58 -20.94 -13.51
N ALA B 172 -25.47 -20.85 -14.24
CA ALA B 172 -24.17 -21.22 -13.68
C ALA B 172 -23.74 -20.28 -12.55
N MET B 173 -24.30 -19.07 -12.48
CA MET B 173 -24.00 -18.13 -11.40
C MET B 173 -24.78 -18.41 -10.12
N LEU B 174 -25.73 -19.34 -10.16
CA LEU B 174 -26.54 -19.62 -8.99
C LEU B 174 -25.66 -19.97 -7.81
N THR B 175 -25.83 -19.23 -6.72
CA THR B 175 -25.02 -19.40 -5.51
C THR B 175 -25.86 -19.80 -4.31
N GLU B 176 -27.01 -19.18 -4.11
CA GLU B 176 -27.82 -19.48 -2.95
C GLU B 176 -29.29 -19.23 -3.29
N ALA B 177 -30.16 -20.05 -2.74
CA ALA B 177 -31.59 -19.84 -2.92
C ALA B 177 -32.33 -20.41 -1.73
N ASN B 178 -33.31 -19.65 -1.25
CA ASN B 178 -34.19 -20.10 -0.19
C ASN B 178 -35.54 -19.40 -0.39
N GLY B 179 -36.40 -19.50 0.61
CA GLY B 179 -37.71 -18.90 0.50
C GLY B 179 -37.72 -17.39 0.50
N ASP B 180 -36.60 -16.75 0.81
CA ASP B 180 -36.54 -15.30 0.94
C ASP B 180 -35.83 -14.61 -0.21
N TYR B 181 -34.87 -15.26 -0.85
CA TYR B 181 -34.11 -14.59 -1.90
C TYR B 181 -33.35 -15.64 -2.71
N ILE B 182 -32.87 -15.20 -3.87
CA ILE B 182 -31.95 -15.94 -4.72
C ILE B 182 -30.74 -15.05 -4.95
N ILE B 183 -29.54 -15.62 -4.79
CA ILE B 183 -28.31 -14.91 -5.11
C ILE B 183 -27.64 -15.61 -6.29
N ARG B 184 -27.41 -14.85 -7.35
CA ARG B 184 -26.56 -15.25 -8.47
C ARG B 184 -25.33 -14.36 -8.44
N ALA B 185 -24.15 -14.98 -8.45
CA ALA B 185 -22.95 -14.18 -8.19
C ALA B 185 -21.71 -14.97 -8.59
N LYS B 186 -20.57 -14.29 -8.55
CA LYS B 186 -19.28 -14.90 -8.80
C LYS B 186 -18.23 -14.23 -7.91
N THR B 187 -17.43 -15.05 -7.24
CA THR B 187 -16.32 -14.57 -6.45
C THR B 187 -15.08 -14.32 -7.32
N GLY B 188 -14.18 -13.50 -6.79
CA GLY B 188 -12.89 -13.28 -7.43
C GLY B 188 -11.83 -13.09 -6.37
N TYR B 189 -10.59 -13.46 -6.73
CA TYR B 189 -9.45 -13.38 -5.83
C TYR B 189 -8.23 -12.99 -6.66
N SER B 190 -7.79 -11.75 -6.54
CA SER B 190 -6.70 -11.20 -7.34
C SER B 190 -5.42 -11.10 -6.50
N THR B 191 -4.38 -11.86 -6.87
CA THR B 191 -3.13 -11.86 -6.12
C THR B 191 -1.90 -11.47 -6.92
N ARG B 192 -1.93 -11.54 -8.25
CA ARG B 192 -0.71 -11.37 -9.03
C ARG B 192 -0.27 -9.92 -9.16
N ILE B 193 -1.18 -8.98 -9.01
CA ILE B 193 -0.87 -7.57 -9.12
C ILE B 193 -1.41 -6.87 -7.89
N GLU B 194 -0.60 -5.98 -7.31
CA GLU B 194 -1.00 -5.25 -6.13
C GLU B 194 -2.05 -4.19 -6.47
N PRO B 195 -2.99 -3.92 -5.56
CA PRO B 195 -3.16 -4.55 -4.24
C PRO B 195 -3.96 -5.84 -4.36
N LYS B 196 -3.62 -6.83 -3.54
CA LYS B 196 -4.38 -8.07 -3.53
C LYS B 196 -5.78 -7.80 -3.00
N ILE B 197 -6.80 -8.29 -3.71
CA ILE B 197 -8.18 -8.03 -3.35
C ILE B 197 -9.04 -9.26 -3.57
N GLY B 198 -10.19 -9.26 -2.88
CA GLY B 198 -11.27 -10.20 -3.16
C GLY B 198 -12.45 -9.45 -3.75
N TRP B 199 -13.17 -10.14 -4.63
CA TRP B 199 -14.40 -9.65 -5.25
C TRP B 199 -15.57 -10.53 -4.84
N TRP B 200 -16.76 -9.93 -4.79
CA TRP B 200 -18.00 -10.69 -4.92
C TRP B 200 -18.98 -9.78 -5.65
N VAL B 201 -19.49 -10.24 -6.79
CA VAL B 201 -20.39 -9.46 -7.62
C VAL B 201 -21.55 -10.34 -8.05
N GLY B 202 -22.72 -9.73 -8.18
CA GLY B 202 -23.90 -10.45 -8.59
C GLY B 202 -25.17 -9.68 -8.28
N TRP B 203 -26.23 -10.40 -7.91
CA TRP B 203 -27.46 -9.73 -7.52
C TRP B 203 -28.27 -10.64 -6.62
N VAL B 204 -29.19 -10.01 -5.92
CA VAL B 204 -30.14 -10.65 -5.02
C VAL B 204 -31.53 -10.48 -5.63
N GLU B 205 -32.16 -11.60 -5.97
CA GLU B 205 -33.51 -11.59 -6.51
C GLU B 205 -34.50 -11.72 -5.36
N LEU B 206 -35.44 -10.78 -5.30
CA LEU B 206 -36.57 -10.80 -4.38
C LEU B 206 -37.86 -10.99 -5.18
N ASP B 207 -38.97 -11.20 -4.47
CA ASP B 207 -40.26 -11.35 -5.13
C ASP B 207 -40.55 -10.20 -6.08
N ASP B 208 -40.24 -8.96 -5.67
CA ASP B 208 -40.69 -7.77 -6.38
C ASP B 208 -39.59 -6.76 -6.67
N ASN B 209 -38.32 -7.19 -6.61
CA ASN B 209 -37.21 -6.29 -6.88
C ASN B 209 -35.95 -7.13 -7.08
N VAL B 210 -34.92 -6.47 -7.60
CA VAL B 210 -33.60 -7.06 -7.73
C VAL B 210 -32.59 -6.05 -7.20
N TRP B 211 -31.70 -6.49 -6.34
CA TRP B 211 -30.62 -5.66 -5.81
C TRP B 211 -29.30 -6.19 -6.39
N PHE B 212 -28.69 -5.41 -7.28
CA PHE B 212 -27.37 -5.75 -7.78
C PHE B 212 -26.31 -5.31 -6.77
N PHE B 213 -25.22 -6.08 -6.71
CA PHE B 213 -24.15 -5.74 -5.78
C PHE B 213 -22.79 -6.05 -6.41
N ALA B 214 -21.80 -5.27 -6.00
CA ALA B 214 -20.42 -5.54 -6.37
C ALA B 214 -19.55 -5.01 -5.25
N MET B 215 -18.73 -5.87 -4.67
CA MET B 215 -17.84 -5.48 -3.59
C MET B 215 -16.44 -5.95 -3.91
N ASN B 216 -15.45 -5.16 -3.47
CA ASN B 216 -14.11 -5.68 -3.38
C ASN B 216 -13.50 -5.20 -2.07
N MET B 217 -12.46 -5.91 -1.64
CA MET B 217 -11.85 -5.66 -0.35
C MET B 217 -10.41 -6.12 -0.40
N ASP B 218 -9.57 -5.45 0.39
CA ASP B 218 -8.19 -5.84 0.52
C ASP B 218 -8.09 -7.26 1.06
N MET B 219 -7.17 -8.05 0.51
CA MET B 219 -7.06 -9.48 0.82
C MET B 219 -5.59 -9.84 0.91
N PRO B 220 -4.90 -9.38 1.95
CA PRO B 220 -3.46 -9.67 2.05
C PRO B 220 -3.15 -11.15 2.16
N THR B 221 -4.06 -11.96 2.67
CA THR B 221 -3.89 -13.41 2.69
C THR B 221 -5.22 -14.10 2.40
N SER B 222 -5.12 -15.38 2.04
CA SER B 222 -6.31 -16.16 1.71
C SER B 222 -7.17 -16.47 2.92
N ASP B 223 -6.70 -16.21 4.13
CA ASP B 223 -7.48 -16.53 5.32
C ASP B 223 -8.75 -15.68 5.41
N GLY B 224 -8.80 -14.53 4.76
CA GLY B 224 -9.94 -13.64 4.83
C GLY B 224 -10.96 -13.79 3.72
N LEU B 225 -10.84 -14.83 2.88
CA LEU B 225 -11.69 -14.92 1.70
C LEU B 225 -13.18 -14.98 2.08
N GLY B 226 -13.50 -15.67 3.16
CA GLY B 226 -14.89 -15.79 3.58
C GLY B 226 -15.54 -14.46 3.91
N LEU B 227 -14.73 -13.42 4.15
CA LEU B 227 -15.28 -12.11 4.47
C LEU B 227 -15.95 -11.45 3.28
N ARG B 228 -15.61 -11.87 2.06
CA ARG B 228 -16.26 -11.28 0.89
C ARG B 228 -17.78 -11.44 0.98
N GLN B 229 -18.23 -12.66 1.26
CA GLN B 229 -19.66 -12.90 1.39
C GLN B 229 -20.22 -12.39 2.71
N ALA B 230 -19.45 -12.56 3.80
CA ALA B 230 -19.98 -12.19 5.11
C ALA B 230 -20.22 -10.69 5.22
N ILE B 231 -19.26 -9.88 4.74
CA ILE B 231 -19.42 -8.43 4.80
C ILE B 231 -20.56 -7.97 3.90
N THR B 232 -20.63 -8.51 2.68
CA THR B 232 -21.73 -8.17 1.79
C THR B 232 -23.07 -8.44 2.46
N LYS B 233 -23.21 -9.60 3.10
CA LYS B 233 -24.49 -9.94 3.71
C LYS B 233 -24.80 -9.03 4.90
N GLU B 234 -23.79 -8.59 5.64
CA GLU B 234 -24.06 -7.65 6.73
C GLU B 234 -24.62 -6.35 6.19
N VAL B 235 -24.11 -5.89 5.04
CA VAL B 235 -24.66 -4.70 4.42
C VAL B 235 -26.09 -4.97 3.95
N LEU B 236 -26.31 -6.11 3.30
CA LEU B 236 -27.66 -6.45 2.84
C LEU B 236 -28.62 -6.52 4.01
N LYS B 237 -28.19 -7.13 5.13
CA LYS B 237 -29.03 -7.19 6.32
C LYS B 237 -29.30 -5.80 6.88
N GLN B 238 -28.27 -4.97 6.96
CA GLN B 238 -28.45 -3.61 7.49
C GLN B 238 -29.46 -2.84 6.66
N GLU B 239 -29.44 -3.00 5.35
CA GLU B 239 -30.36 -2.29 4.48
C GLU B 239 -31.68 -3.04 4.32
N LYS B 240 -31.90 -4.09 5.11
CA LYS B 240 -33.17 -4.82 5.14
C LYS B 240 -33.51 -5.42 3.78
N ILE B 241 -32.47 -5.76 3.02
CA ILE B 241 -32.67 -6.43 1.74
C ILE B 241 -32.86 -7.93 1.96
N ILE B 242 -32.16 -8.50 2.94
CA ILE B 242 -32.34 -9.89 3.32
C ILE B 242 -32.54 -9.93 4.83
N PRO B 243 -33.25 -10.94 5.38
CA PRO B 243 -33.41 -11.01 6.84
C PRO B 243 -32.08 -11.24 7.55
N GLU C 2 -26.08 11.80 -12.13
CA GLU C 2 -24.75 11.99 -11.55
C GLU C 2 -23.72 12.31 -12.64
N TRP C 3 -23.58 11.39 -13.60
CA TRP C 3 -22.63 11.55 -14.69
C TRP C 3 -23.33 11.36 -16.02
N GLN C 4 -23.02 12.23 -16.98
CA GLN C 4 -23.57 12.18 -18.32
C GLN C 4 -22.43 12.25 -19.32
N GLU C 5 -22.52 11.43 -20.37
CA GLU C 5 -21.49 11.36 -21.39
C GLU C 5 -21.92 12.18 -22.60
N ASN C 6 -21.02 13.03 -23.08
CA ASN C 6 -21.30 13.89 -24.23
C ASN C 6 -20.19 13.65 -25.26
N LYS C 7 -20.43 12.69 -26.15
CA LYS C 7 -19.44 12.32 -27.15
C LYS C 7 -19.24 13.39 -28.22
N SER C 8 -20.10 14.41 -28.27
CA SER C 8 -19.88 15.48 -29.24
C SER C 8 -18.59 16.24 -28.97
N TRP C 9 -18.11 16.24 -27.72
CA TRP C 9 -16.82 16.89 -27.44
C TRP C 9 -15.66 16.19 -28.14
N ASN C 10 -15.82 14.93 -28.52
CA ASN C 10 -14.75 14.22 -29.21
C ASN C 10 -14.30 14.97 -30.46
N ALA C 11 -15.20 15.73 -31.08
CA ALA C 11 -14.83 16.50 -32.27
C ALA C 11 -13.68 17.44 -31.98
N HIS C 12 -13.61 18.00 -30.77
CA HIS C 12 -12.54 18.91 -30.44
C HIS C 12 -11.20 18.18 -30.34
N PHE C 13 -11.21 16.90 -29.99
CA PHE C 13 -9.98 16.12 -29.97
C PHE C 13 -9.58 15.71 -31.38
N THR C 14 -10.53 15.20 -32.15
CA THR C 14 -10.22 14.75 -33.52
C THR C 14 -9.79 15.92 -34.40
N GLU C 15 -10.32 17.11 -34.14
CA GLU C 15 -9.94 18.28 -34.93
C GLU C 15 -8.42 18.49 -34.90
N HIS C 16 -7.77 18.10 -33.80
CA HIS C 16 -6.32 18.18 -33.67
C HIS C 16 -5.66 16.81 -33.72
N LYS C 17 -6.35 15.80 -34.25
CA LYS C 17 -5.79 14.44 -34.34
C LYS C 17 -5.19 13.99 -33.01
N SER C 18 -5.90 14.25 -31.92
CA SER C 18 -5.48 13.88 -30.59
C SER C 18 -6.55 13.00 -29.96
N GLN C 19 -6.23 12.48 -28.78
CA GLN C 19 -7.17 11.65 -28.03
C GLN C 19 -7.06 12.00 -26.56
N GLY C 20 -8.19 12.02 -25.87
CA GLY C 20 -8.18 12.38 -24.47
C GLY C 20 -9.58 12.46 -23.91
N VAL C 21 -9.67 13.03 -22.72
CA VAL C 21 -10.93 13.14 -22.00
C VAL C 21 -10.98 14.52 -21.35
N VAL C 22 -12.15 15.14 -21.39
CA VAL C 22 -12.46 16.32 -20.57
C VAL C 22 -13.56 15.93 -19.61
N VAL C 23 -13.38 16.27 -18.34
CA VAL C 23 -14.37 16.04 -17.31
C VAL C 23 -14.73 17.38 -16.70
N LEU C 24 -16.04 17.67 -16.62
CA LEU C 24 -16.56 18.88 -16.03
C LEU C 24 -17.49 18.51 -14.88
N TRP C 25 -17.50 19.36 -13.85
CA TRP C 25 -18.40 19.18 -12.71
C TRP C 25 -19.07 20.52 -12.41
N ASN C 26 -20.40 20.54 -12.49
CA ASN C 26 -21.21 21.71 -12.19
C ASN C 26 -21.48 21.70 -10.69
N GLU C 27 -20.84 22.63 -9.97
CA GLU C 27 -20.92 22.60 -8.51
C GLU C 27 -22.35 22.87 -8.02
N ASN C 28 -23.04 23.86 -8.59
CA ASN C 28 -24.40 24.16 -8.15
C ASN C 28 -25.31 22.93 -8.29
N LYS C 29 -25.25 22.28 -9.44
CA LYS C 29 -26.18 21.18 -9.74
C LYS C 29 -25.68 19.82 -9.27
N GLN C 30 -24.41 19.73 -8.85
CA GLN C 30 -23.81 18.47 -8.43
C GLN C 30 -23.96 17.42 -9.52
N GLN C 31 -23.58 17.82 -10.74
CA GLN C 31 -23.65 16.95 -11.90
C GLN C 31 -22.37 17.06 -12.71
N GLY C 32 -21.94 15.92 -13.25
CA GLY C 32 -20.72 15.83 -14.03
C GLY C 32 -20.99 15.49 -15.48
N PHE C 33 -20.05 15.89 -16.35
CA PHE C 33 -20.17 15.70 -17.78
C PHE C 33 -18.79 15.34 -18.35
N THR C 34 -18.75 14.40 -19.29
CA THR C 34 -17.49 14.01 -19.89
C THR C 34 -17.75 13.39 -21.25
N ASN C 35 -16.74 13.44 -22.11
CA ASN C 35 -16.84 12.79 -23.41
C ASN C 35 -16.55 11.30 -23.35
N ASN C 36 -15.99 10.81 -22.24
CA ASN C 36 -15.52 9.44 -22.17
C ASN C 36 -15.57 9.02 -20.69
N LEU C 37 -16.69 8.39 -20.31
CA LEU C 37 -16.87 7.97 -18.92
C LEU C 37 -15.74 7.05 -18.47
N LYS C 38 -15.32 6.13 -19.33
CA LYS C 38 -14.26 5.20 -18.95
C LYS C 38 -12.94 5.92 -18.69
N ARG C 39 -12.47 6.70 -19.67
CA ARG C 39 -11.20 7.38 -19.48
C ARG C 39 -11.28 8.43 -18.38
N ALA C 40 -12.47 8.98 -18.14
CA ALA C 40 -12.65 9.89 -17.01
C ALA C 40 -12.23 9.24 -15.70
N ASN C 41 -12.35 7.92 -15.61
CA ASN C 41 -12.04 7.17 -14.40
C ASN C 41 -10.74 6.38 -14.52
N GLN C 42 -9.98 6.59 -15.58
CA GLN C 42 -8.69 5.91 -15.71
C GLN C 42 -7.64 6.69 -14.93
N ALA C 43 -6.88 5.98 -14.11
CA ALA C 43 -5.93 6.62 -13.21
C ALA C 43 -4.55 6.62 -13.85
N PHE C 44 -3.95 7.81 -13.94
CA PHE C 44 -2.62 8.02 -14.51
C PHE C 44 -1.70 8.63 -13.47
N LEU C 45 -0.41 8.63 -13.78
CA LEU C 45 0.54 9.43 -13.02
C LEU C 45 0.09 10.88 -13.03
N PRO C 46 0.07 11.57 -11.88
CA PRO C 46 -0.36 12.98 -11.88
C PRO C 46 0.66 13.93 -12.48
N ALA C 47 1.94 13.55 -12.51
CA ALA C 47 3.01 14.44 -12.93
C ALA C 47 2.86 15.78 -12.21
N SER C 48 3.06 16.89 -12.92
CA SER C 48 3.13 18.18 -12.24
C SER C 48 1.80 18.64 -11.67
N THR C 49 0.68 17.98 -11.96
CA THR C 49 -0.53 18.31 -11.20
C THR C 49 -0.35 17.98 -9.73
N PHE C 50 0.63 17.14 -9.39
CA PHE C 50 0.90 16.82 -8.00
C PHE C 50 1.45 18.04 -7.26
N KCX C 51 1.81 19.10 -7.99
CA KCX C 51 2.32 20.29 -7.31
CB KCX C 51 2.90 21.29 -8.31
CG KCX C 51 4.24 20.82 -8.89
CD KCX C 51 5.00 21.89 -9.67
CE KCX C 51 6.41 21.39 -10.05
NZ KCX C 51 6.30 20.21 -10.98
C KCX C 51 1.23 20.93 -6.43
O KCX C 51 1.55 21.63 -5.48
CX KCX C 51 6.49 18.96 -10.56
OQ1 KCX C 51 6.37 18.02 -11.37
OQ2 KCX C 51 6.80 18.71 -9.38
H KCX C 51 1.78 19.15 -8.85
HA KCX C 51 3.05 20.01 -6.72
HB2 KCX C 51 3.04 22.14 -7.87
HG2 KCX C 51 4.81 20.51 -8.17
HD2 KCX C 51 4.51 22.10 -10.48
HE2 KCX C 51 6.88 22.10 -10.52
N ILE C 52 -0.05 20.65 -6.71
CA ILE C 52 -1.10 21.17 -5.85
C ILE C 52 -1.01 20.55 -4.45
N PRO C 53 -1.14 19.23 -4.32
CA PRO C 53 -1.01 18.64 -2.96
C PRO C 53 0.37 18.86 -2.37
N ASN C 54 1.43 18.80 -3.18
CA ASN C 54 2.79 19.01 -2.68
C ASN C 54 2.91 20.41 -2.05
N SER C 55 2.36 21.43 -2.71
CA SER C 55 2.39 22.79 -2.16
C SER C 55 1.65 22.84 -0.84
N LEU C 56 0.45 22.24 -0.78
CA LEU C 56 -0.35 22.23 0.44
C LEU C 56 0.42 21.62 1.59
N ILE C 57 1.07 20.48 1.34
CA ILE C 57 1.79 19.79 2.40
C ILE C 57 3.01 20.59 2.84
N ALA C 58 3.78 21.11 1.89
CA ALA C 58 4.97 21.87 2.25
C ALA C 58 4.59 23.10 3.08
N LEU C 59 3.51 23.77 2.71
CA LEU C 59 3.07 24.95 3.48
C LEU C 59 2.61 24.57 4.87
N ASP C 60 1.77 23.53 4.97
CA ASP C 60 1.20 23.22 6.27
C ASP C 60 2.26 22.74 7.26
N LEU C 61 3.34 22.15 6.76
CA LEU C 61 4.42 21.66 7.62
C LEU C 61 5.49 22.72 7.86
N GLY C 62 5.39 23.88 7.24
CA GLY C 62 6.42 24.91 7.41
C GLY C 62 7.65 24.70 6.55
N VAL C 63 7.64 23.72 5.65
CA VAL C 63 8.73 23.59 4.68
C VAL C 63 8.78 24.84 3.80
N VAL C 64 7.63 25.36 3.44
CA VAL C 64 7.51 26.66 2.76
C VAL C 64 6.82 27.62 3.74
N LYS C 65 7.48 28.73 4.03
CA LYS C 65 6.94 29.68 5.00
C LYS C 65 5.76 30.46 4.44
N ASP C 66 5.89 30.98 3.22
CA ASP C 66 4.82 31.72 2.56
C ASP C 66 5.14 31.77 1.08
N GLU C 67 4.30 32.46 0.33
CA GLU C 67 4.42 32.52 -1.12
C GLU C 67 5.52 33.46 -1.58
N HIS C 68 6.22 34.13 -0.66
CA HIS C 68 7.31 35.02 -1.00
C HIS C 68 8.68 34.39 -0.81
N GLN C 69 8.77 33.31 -0.04
CA GLN C 69 10.05 32.67 0.24
C GLN C 69 10.73 32.29 -1.06
N VAL C 70 12.02 32.61 -1.16
CA VAL C 70 12.78 32.41 -2.39
C VAL C 70 13.57 31.13 -2.30
N PHE C 71 13.40 30.27 -3.30
CA PHE C 71 14.16 29.03 -3.43
C PHE C 71 15.23 29.27 -4.49
N LYS C 72 16.47 29.39 -4.05
CA LYS C 72 17.57 29.76 -4.93
C LYS C 72 17.83 28.65 -5.94
N TRP C 73 18.08 29.05 -7.19
CA TRP C 73 18.58 28.13 -8.20
C TRP C 73 19.81 27.41 -7.66
N ASP C 74 19.87 26.09 -7.82
CA ASP C 74 21.03 25.36 -7.33
C ASP C 74 22.25 25.47 -8.24
N GLY C 75 22.16 26.23 -9.32
CA GLY C 75 23.28 26.43 -10.22
C GLY C 75 23.47 25.34 -11.26
N GLN C 76 22.59 24.35 -11.31
CA GLN C 76 22.66 23.28 -12.30
C GLN C 76 21.79 23.64 -13.50
N THR C 77 22.41 23.80 -14.67
CA THR C 77 21.67 24.19 -15.86
C THR C 77 20.84 23.01 -16.35
N ARG C 78 19.53 23.22 -16.44
CA ARG C 78 18.59 22.21 -16.91
C ARG C 78 18.00 22.66 -18.23
N ASP C 79 17.28 21.74 -18.88
CA ASP C 79 16.89 21.96 -20.26
C ASP C 79 15.72 22.93 -20.41
N ILE C 80 15.03 23.27 -19.34
CA ILE C 80 13.96 24.27 -19.39
C ILE C 80 14.50 25.55 -18.79
N ALA C 81 14.66 26.57 -19.63
CA ALA C 81 15.38 27.77 -19.22
C ALA C 81 14.75 28.39 -17.98
N THR C 82 13.43 28.41 -17.89
CA THR C 82 12.76 29.07 -16.77
C THR C 82 13.08 28.42 -15.43
N TRP C 83 13.61 27.20 -15.43
CA TRP C 83 14.01 26.54 -14.20
C TRP C 83 15.35 27.04 -13.68
N ASN C 84 16.14 27.68 -14.53
CA ASN C 84 17.52 28.08 -14.18
C ASN C 84 17.54 29.50 -13.61
N ARG C 85 16.76 29.70 -12.55
CA ARG C 85 16.63 31.00 -11.91
C ARG C 85 16.02 30.79 -10.53
N ASP C 86 16.02 31.84 -9.72
CA ASP C 86 15.36 31.79 -8.43
C ASP C 86 13.84 31.79 -8.63
N HIS C 87 13.13 31.15 -7.70
CA HIS C 87 11.68 31.07 -7.75
C HIS C 87 11.10 31.24 -6.36
N ASN C 88 9.83 31.63 -6.32
CA ASN C 88 8.99 31.47 -5.15
C ASN C 88 7.87 30.50 -5.49
N LEU C 89 6.95 30.32 -4.54
CA LEU C 89 5.89 29.33 -4.74
C LEU C 89 5.04 29.66 -5.96
N ILE C 90 4.77 30.96 -6.19
CA ILE C 90 3.94 31.38 -7.31
C ILE C 90 4.63 31.07 -8.62
N THR C 91 5.90 31.50 -8.76
CA THR C 91 6.60 31.28 -10.01
C THR C 91 6.97 29.80 -10.17
N ALA C 92 7.21 29.10 -9.07
CA ALA C 92 7.50 27.66 -9.17
C ALA C 92 6.31 26.90 -9.73
N MET C 93 5.10 27.26 -9.30
CA MET C 93 3.89 26.69 -9.88
C MET C 93 3.75 27.07 -11.34
N LYS C 94 3.87 28.36 -11.62
CA LYS C 94 3.64 28.89 -12.96
C LYS C 94 4.50 28.18 -14.00
N TYR C 95 5.77 27.97 -13.68
CA TYR C 95 6.71 27.36 -14.60
C TYR C 95 6.96 25.89 -14.31
N SER C 96 6.14 25.27 -13.45
CA SER C 96 6.24 23.85 -13.13
C SER C 96 7.68 23.42 -12.85
N VAL C 97 8.29 24.12 -11.89
CA VAL C 97 9.72 23.93 -11.58
C VAL C 97 9.93 22.69 -10.75
N VAL C 98 10.08 21.55 -11.43
CA VAL C 98 10.25 20.27 -10.75
C VAL C 98 11.32 20.32 -9.67
N PRO C 99 12.54 20.80 -9.93
CA PRO C 99 13.59 20.68 -8.90
C PRO C 99 13.25 21.39 -7.61
N VAL C 100 12.45 22.45 -7.65
CA VAL C 100 12.03 23.11 -6.43
C VAL C 100 11.14 22.17 -5.61
N TYR C 101 10.20 21.51 -6.28
CA TYR C 101 9.26 20.64 -5.58
C TYR C 101 9.92 19.32 -5.17
N GLN C 102 10.95 18.90 -5.88
CA GLN C 102 11.72 17.74 -5.41
C GLN C 102 12.36 18.05 -4.07
N GLU C 103 12.89 19.26 -3.91
CA GLU C 103 13.44 19.65 -2.61
C GLU C 103 12.34 19.68 -1.55
N PHE C 104 11.18 20.23 -1.88
CA PHE C 104 10.03 20.18 -0.97
C PHE C 104 9.80 18.75 -0.49
N ALA C 105 9.70 17.83 -1.44
CA ALA C 105 9.35 16.45 -1.11
C ALA C 105 10.40 15.81 -0.19
N ARG C 106 11.69 16.06 -0.45
CA ARG C 106 12.72 15.50 0.42
C ARG C 106 12.56 16.00 1.84
N GLN C 107 12.26 17.29 2.01
CA GLN C 107 12.11 17.83 3.35
C GLN C 107 10.84 17.32 4.01
N ILE C 108 9.78 17.16 3.22
CA ILE C 108 8.55 16.55 3.74
C ILE C 108 8.85 15.14 4.24
N GLY C 109 9.49 14.33 3.41
CA GLY C 109 9.82 12.97 3.78
C GLY C 109 8.70 11.99 3.45
N GLU C 110 9.08 10.72 3.31
CA GLU C 110 8.14 9.69 2.88
C GLU C 110 6.97 9.55 3.84
N ALA C 111 7.24 9.50 5.15
CA ALA C 111 6.19 9.21 6.11
C ALA C 111 5.11 10.30 6.11
N ARG C 112 5.52 11.56 6.19
CA ARG C 112 4.54 12.64 6.23
C ARG C 112 3.84 12.79 4.88
N MET C 113 4.56 12.57 3.79
CA MET C 113 3.93 12.62 2.48
C MET C 113 2.83 11.58 2.36
N SER C 114 3.12 10.34 2.78
CA SER C 114 2.13 9.26 2.69
C SER C 114 0.92 9.56 3.58
N LYS C 115 1.16 10.00 4.82
CA LYS C 115 0.08 10.29 5.75
C LYS C 115 -0.84 11.37 5.20
N MET C 116 -0.26 12.39 4.58
CA MET C 116 -1.04 13.51 4.08
C MET C 116 -1.88 13.11 2.89
N LEU C 117 -1.32 12.32 1.97
CA LEU C 117 -2.09 11.90 0.82
C LEU C 117 -3.23 10.99 1.24
N HIS C 118 -3.03 10.16 2.26
CA HIS C 118 -4.15 9.39 2.80
C HIS C 118 -5.21 10.32 3.36
N ALA C 119 -4.79 11.34 4.12
CA ALA C 119 -5.76 12.30 4.66
C ALA C 119 -6.50 13.00 3.53
N PHE C 120 -5.81 13.27 2.42
CA PHE C 120 -6.43 13.92 1.27
C PHE C 120 -7.29 12.97 0.45
N ASP C 121 -7.26 11.66 0.71
CA ASP C 121 -7.98 10.68 -0.12
C ASP C 121 -7.54 10.79 -1.58
N TYR C 122 -6.26 11.01 -1.79
CA TYR C 122 -5.72 11.41 -3.09
C TYR C 122 -5.38 10.18 -3.93
N GLY C 123 -6.16 9.94 -4.98
CA GLY C 123 -5.82 8.90 -5.92
C GLY C 123 -5.72 7.54 -5.25
N ASN C 124 -4.72 6.75 -5.67
CA ASN C 124 -4.49 5.46 -5.03
C ASN C 124 -3.61 5.56 -3.80
N GLU C 125 -3.22 6.77 -3.41
CA GLU C 125 -2.51 7.04 -2.15
C GLU C 125 -1.17 6.32 -2.05
N ASP C 126 -0.58 5.93 -3.18
CA ASP C 126 0.61 5.07 -3.22
C ASP C 126 1.81 5.91 -3.66
N ILE C 127 2.74 6.15 -2.74
CA ILE C 127 3.92 6.97 -3.04
C ILE C 127 5.15 6.10 -3.36
N SER C 128 4.95 4.83 -3.71
CA SER C 128 6.08 3.94 -3.97
C SER C 128 7.02 4.53 -5.01
N GLY C 129 8.32 4.40 -4.74
CA GLY C 129 9.33 5.01 -5.60
C GLY C 129 10.17 6.01 -4.83
N ASN C 130 10.87 6.88 -5.55
CA ASN C 130 11.68 7.90 -4.90
C ASN C 130 10.78 8.96 -4.29
N VAL C 131 11.07 9.35 -3.05
CA VAL C 131 10.23 10.37 -2.40
C VAL C 131 10.20 11.65 -3.21
N ASP C 132 11.24 11.90 -3.99
CA ASP C 132 11.32 13.12 -4.81
C ASP C 132 11.01 12.89 -6.29
N SER C 133 10.41 11.75 -6.65
CA SER C 133 9.99 11.59 -8.04
C SER C 133 8.77 10.69 -8.23
N PHE C 134 8.13 10.21 -7.17
CA PHE C 134 7.08 9.20 -7.34
C PHE C 134 5.91 9.71 -8.16
N TRP C 135 5.64 11.02 -8.15
CA TRP C 135 4.54 11.57 -8.95
C TRP C 135 4.89 11.66 -10.42
N LEU C 136 6.16 11.42 -10.77
CA LEU C 136 6.64 11.39 -12.15
C LEU C 136 6.94 9.99 -12.66
N ASP C 137 7.46 9.09 -11.80
CA ASP C 137 7.80 7.76 -12.27
C ASP C 137 7.62 6.70 -11.18
N GLY C 138 6.84 6.97 -10.15
CA GLY C 138 6.52 6.03 -9.09
C GLY C 138 5.15 5.42 -9.23
N GLY C 139 4.58 4.99 -8.11
CA GLY C 139 3.38 4.18 -8.11
C GLY C 139 2.07 4.93 -7.94
N ILE C 140 2.09 6.24 -7.75
CA ILE C 140 0.87 6.99 -7.49
C ILE C 140 0.09 7.15 -8.79
N ARG C 141 -1.23 6.99 -8.69
CA ARG C 141 -2.13 7.10 -9.84
C ARG C 141 -3.40 7.81 -9.40
N ILE C 142 -3.94 8.63 -10.30
CA ILE C 142 -5.15 9.39 -10.01
C ILE C 142 -5.89 9.62 -11.33
N SER C 143 -7.21 9.52 -11.27
CA SER C 143 -8.06 9.72 -12.42
C SER C 143 -8.54 11.16 -12.49
N ALA C 144 -9.09 11.53 -13.65
CA ALA C 144 -9.65 12.87 -13.82
C ALA C 144 -10.78 13.14 -12.84
N THR C 145 -11.65 12.15 -12.59
CA THR C 145 -12.72 12.37 -11.61
C THR C 145 -12.18 12.48 -10.20
N GLU C 146 -11.12 11.73 -9.88
CA GLU C 146 -10.51 11.83 -8.56
C GLU C 146 -9.83 13.19 -8.37
N GLN C 147 -9.25 13.74 -9.44
CA GLN C 147 -8.72 15.10 -9.34
C GLN C 147 -9.82 16.08 -8.98
N ILE C 148 -10.98 15.95 -9.62
CA ILE C 148 -12.09 16.85 -9.32
C ILE C 148 -12.51 16.70 -7.86
N SER C 149 -12.65 15.46 -7.38
CA SER C 149 -13.05 15.27 -5.99
C SER C 149 -12.09 15.97 -5.04
N PHE C 150 -10.78 15.84 -5.31
CA PHE C 150 -9.76 16.50 -4.50
C PHE C 150 -9.85 18.02 -4.64
N LEU C 151 -10.00 18.52 -5.86
CA LEU C 151 -10.08 19.97 -6.06
C LEU C 151 -11.30 20.56 -5.37
N ARG C 152 -12.42 19.83 -5.34
CA ARG C 152 -13.60 20.35 -4.66
C ARG C 152 -13.32 20.55 -3.17
N LYS C 153 -12.60 19.61 -2.56
CA LYS C 153 -12.24 19.80 -1.16
C LYS C 153 -11.40 21.05 -0.98
N LEU C 154 -10.41 21.24 -1.85
CA LEU C 154 -9.55 22.43 -1.76
C LEU C 154 -10.37 23.71 -1.91
N TYR C 155 -11.27 23.73 -2.90
CA TYR C 155 -12.09 24.93 -3.11
C TYR C 155 -12.86 25.32 -1.85
N HIS C 156 -13.39 24.32 -1.14
CA HIS C 156 -14.21 24.57 0.03
C HIS C 156 -13.40 24.60 1.33
N ASN C 157 -12.06 24.57 1.24
CA ASN C 157 -11.19 24.57 2.41
C ASN C 157 -11.46 23.38 3.33
N LYS C 158 -11.83 22.24 2.74
CA LYS C 158 -12.17 21.03 3.49
C LYS C 158 -11.02 20.02 3.57
N LEU C 159 -9.87 20.29 2.98
CA LEU C 159 -8.75 19.38 3.13
C LEU C 159 -8.18 19.54 4.54
N HIS C 160 -7.52 18.48 5.00
CA HIS C 160 -6.99 18.41 6.37
C HIS C 160 -5.63 19.10 6.45
N VAL C 161 -5.62 20.36 6.03
CA VAL C 161 -4.55 21.30 6.30
C VAL C 161 -5.23 22.62 6.67
N SER C 162 -4.42 23.60 7.07
CA SER C 162 -5.00 24.85 7.54
C SER C 162 -5.71 25.59 6.40
N GLU C 163 -6.66 26.45 6.78
CA GLU C 163 -7.29 27.34 5.81
C GLU C 163 -6.23 28.17 5.09
N ARG C 164 -5.25 28.67 5.82
CA ARG C 164 -4.20 29.48 5.23
C ARG C 164 -3.46 28.73 4.12
N SER C 165 -3.04 27.49 4.39
CA SER C 165 -2.34 26.73 3.36
C SER C 165 -3.18 26.58 2.12
N GLN C 166 -4.49 26.33 2.29
CA GLN C 166 -5.35 26.14 1.13
C GLN C 166 -5.54 27.45 0.37
N ARG C 167 -5.70 28.56 1.09
CA ARG C 167 -5.80 29.86 0.43
C ARG C 167 -4.53 30.18 -0.36
N ILE C 168 -3.35 29.92 0.21
CA ILE C 168 -2.11 30.23 -0.49
C ILE C 168 -2.00 29.40 -1.77
N VAL C 169 -2.30 28.10 -1.69
CA VAL C 169 -2.18 27.27 -2.88
C VAL C 169 -3.17 27.71 -3.95
N LYS C 170 -4.39 28.08 -3.56
CA LYS C 170 -5.35 28.55 -4.55
C LYS C 170 -4.89 29.86 -5.18
N GLN C 171 -4.24 30.73 -4.41
CA GLN C 171 -3.59 31.89 -4.99
C GLN C 171 -2.54 31.47 -6.02
N ALA C 172 -1.69 30.51 -5.65
CA ALA C 172 -0.65 30.07 -6.56
C ALA C 172 -1.20 29.35 -7.79
N MET C 173 -2.44 28.87 -7.72
CA MET C 173 -3.05 28.21 -8.87
C MET C 173 -3.62 29.19 -9.87
N LEU C 174 -3.68 30.47 -9.53
CA LEU C 174 -4.26 31.46 -10.43
C LEU C 174 -3.58 31.41 -11.78
N THR C 175 -4.37 31.19 -12.82
CA THR C 175 -3.88 31.05 -14.18
C THR C 175 -4.42 32.13 -15.11
N GLU C 176 -5.71 32.45 -15.01
CA GLU C 176 -6.30 33.43 -15.90
C GLU C 176 -7.45 34.09 -15.17
N ALA C 177 -7.63 35.39 -15.40
CA ALA C 177 -8.77 36.10 -14.83
C ALA C 177 -9.11 37.28 -15.74
N ASN C 178 -10.41 37.45 -15.97
CA ASN C 178 -10.92 38.61 -16.70
C ASN C 178 -12.31 38.91 -16.16
N GLY C 179 -13.03 39.81 -16.84
CA GLY C 179 -14.36 40.18 -16.39
C GLY C 179 -15.39 39.08 -16.51
N ASP C 180 -15.06 37.98 -17.17
CA ASP C 180 -16.01 36.90 -17.40
C ASP C 180 -15.77 35.66 -16.55
N TYR C 181 -14.55 35.39 -16.13
CA TYR C 181 -14.28 34.17 -15.37
C TYR C 181 -12.90 34.26 -14.73
N ILE C 182 -12.67 33.37 -13.76
CA ILE C 182 -11.37 33.13 -13.17
C ILE C 182 -11.07 31.65 -13.31
N ILE C 183 -9.85 31.33 -13.76
CA ILE C 183 -9.37 29.96 -13.84
C ILE C 183 -8.24 29.79 -12.85
N ARG C 184 -8.40 28.84 -11.93
CA ARG C 184 -7.33 28.35 -11.08
C ARG C 184 -7.07 26.91 -11.49
N ALA C 185 -5.82 26.60 -11.82
CA ALA C 185 -5.56 25.32 -12.47
C ALA C 185 -4.08 25.00 -12.36
N LYS C 186 -3.75 23.77 -12.74
CA LYS C 186 -2.36 23.32 -12.81
C LYS C 186 -2.19 22.36 -13.98
N THR C 187 -1.17 22.60 -14.80
CA THR C 187 -0.83 21.71 -15.90
C THR C 187 0.03 20.54 -15.41
N GLY C 188 0.03 19.48 -16.20
CA GLY C 188 0.91 18.36 -15.96
C GLY C 188 1.35 17.75 -17.26
N TYR C 189 2.54 17.15 -17.24
CA TYR C 189 3.13 16.54 -18.43
C TYR C 189 3.89 15.30 -17.98
N SER C 190 3.35 14.13 -18.26
CA SER C 190 3.92 12.86 -17.81
C SER C 190 4.68 12.22 -18.96
N THR C 191 6.00 12.14 -18.83
CA THR C 191 6.87 11.66 -19.90
C THR C 191 7.72 10.46 -19.53
N ARG C 192 7.91 10.16 -18.24
CA ARG C 192 8.88 9.17 -17.83
C ARG C 192 8.35 7.74 -17.98
N ILE C 193 7.03 7.55 -17.88
CA ILE C 193 6.42 6.23 -17.94
C ILE C 193 5.28 6.28 -18.96
N GLU C 194 5.19 5.26 -19.81
CA GLU C 194 4.10 5.25 -20.77
C GLU C 194 2.77 5.03 -20.05
N PRO C 195 1.67 5.61 -20.58
CA PRO C 195 1.61 6.46 -21.78
C PRO C 195 1.93 7.92 -21.49
N LYS C 196 2.65 8.59 -22.38
CA LYS C 196 2.90 10.02 -22.19
C LYS C 196 1.59 10.76 -22.37
N ILE C 197 1.27 11.62 -21.39
CA ILE C 197 0.01 12.36 -21.39
C ILE C 197 0.25 13.77 -20.88
N GLY C 198 -0.68 14.65 -21.22
CA GLY C 198 -0.76 15.98 -20.64
C GLY C 198 -2.01 16.05 -19.77
N TRP C 199 -1.90 16.82 -18.69
CA TRP C 199 -3.00 17.12 -17.78
C TRP C 199 -3.32 18.61 -17.79
N TRP C 200 -4.57 18.93 -17.51
CA TRP C 200 -4.94 20.25 -17.00
C TRP C 200 -6.12 20.06 -16.07
N VAL C 201 -5.96 20.48 -14.81
CA VAL C 201 -7.00 20.31 -13.80
C VAL C 201 -7.16 21.62 -13.04
N GLY C 202 -8.39 21.91 -12.64
CA GLY C 202 -8.67 23.12 -11.88
C GLY C 202 -10.15 23.43 -11.87
N TRP C 203 -10.49 24.73 -11.89
CA TRP C 203 -11.89 25.10 -11.95
C TRP C 203 -12.02 26.48 -12.58
N VAL C 204 -13.24 26.75 -13.04
CA VAL C 204 -13.64 28.03 -13.60
C VAL C 204 -14.62 28.66 -12.63
N GLU C 205 -14.26 29.81 -12.09
CA GLU C 205 -15.13 30.56 -11.20
C GLU C 205 -15.97 31.51 -12.03
N LEU C 206 -17.28 31.43 -11.85
CA LEU C 206 -18.23 32.37 -12.43
C LEU C 206 -18.87 33.18 -11.31
N ASP C 207 -19.65 34.19 -11.71
CA ASP C 207 -20.36 35.01 -10.74
C ASP C 207 -21.17 34.16 -9.77
N ASP C 208 -21.87 33.14 -10.29
CA ASP C 208 -22.87 32.42 -9.51
C ASP C 208 -22.70 30.90 -9.58
N ASN C 209 -21.52 30.41 -9.98
CA ASN C 209 -21.31 28.97 -10.04
C ASN C 209 -19.82 28.73 -10.17
N VAL C 210 -19.43 27.48 -9.97
CA VAL C 210 -18.06 27.03 -10.19
C VAL C 210 -18.12 25.76 -11.01
N TRP C 211 -17.32 25.69 -12.06
CA TRP C 211 -17.19 24.51 -12.91
C TRP C 211 -15.80 23.94 -12.69
N PHE C 212 -15.74 22.79 -12.03
CA PHE C 212 -14.47 22.08 -11.89
C PHE C 212 -14.19 21.31 -13.17
N PHE C 213 -12.90 21.18 -13.50
CA PHE C 213 -12.51 20.45 -14.70
C PHE C 213 -11.24 19.67 -14.46
N ALA C 214 -11.11 18.58 -15.20
CA ALA C 214 -9.89 17.79 -15.25
C ALA C 214 -9.84 17.16 -16.64
N MET C 215 -8.74 17.37 -17.34
CA MET C 215 -8.56 16.79 -18.66
C MET C 215 -7.20 16.13 -18.74
N ASN C 216 -7.12 15.04 -19.49
CA ASN C 216 -5.83 14.53 -19.92
C ASN C 216 -5.98 14.08 -21.37
N MET C 217 -4.84 13.98 -22.04
CA MET C 217 -4.80 13.65 -23.45
C MET C 217 -3.45 13.02 -23.76
N ASP C 218 -3.43 12.15 -24.75
CA ASP C 218 -2.17 11.58 -25.21
C ASP C 218 -1.25 12.68 -25.70
N MET C 219 0.03 12.58 -25.34
CA MET C 219 1.02 13.61 -25.63
C MET C 219 2.32 12.95 -26.04
N PRO C 220 2.36 12.35 -27.23
CA PRO C 220 3.58 11.67 -27.67
C PRO C 220 4.78 12.60 -27.84
N THR C 221 4.56 13.89 -28.07
CA THR C 221 5.62 14.88 -28.13
C THR C 221 5.16 16.15 -27.46
N SER C 222 6.12 17.04 -27.13
CA SER C 222 5.81 18.31 -26.49
C SER C 222 5.11 19.29 -27.42
N ASP C 223 5.00 18.98 -28.71
CA ASP C 223 4.41 19.91 -29.66
C ASP C 223 2.94 20.18 -29.36
N GLY C 224 2.25 19.23 -28.72
CA GLY C 224 0.83 19.35 -28.47
C GLY C 224 0.46 19.91 -27.12
N LEU C 225 1.42 20.41 -26.34
CA LEU C 225 1.13 20.81 -24.98
C LEU C 225 0.07 21.91 -24.93
N GLY C 226 0.11 22.84 -25.87
CA GLY C 226 -0.88 23.91 -25.89
C GLY C 226 -2.30 23.43 -26.07
N LEU C 227 -2.48 22.20 -26.55
CA LEU C 227 -3.81 21.66 -26.76
C LEU C 227 -4.53 21.34 -25.45
N ARG C 228 -3.80 21.18 -24.35
CA ARG C 228 -4.45 20.91 -23.08
C ARG C 228 -5.44 22.02 -22.75
N GLN C 229 -4.99 23.27 -22.82
CA GLN C 229 -5.86 24.41 -22.56
C GLN C 229 -6.81 24.68 -23.73
N ALA C 230 -6.33 24.52 -24.96
CA ALA C 230 -7.14 24.86 -26.13
C ALA C 230 -8.37 23.96 -26.24
N ILE C 231 -8.18 22.64 -26.09
CA ILE C 231 -9.31 21.73 -26.17
C ILE C 231 -10.26 21.95 -25.01
N THR C 232 -9.73 22.11 -23.80
CA THR C 232 -10.58 22.40 -22.65
C THR C 232 -11.45 23.63 -22.92
N LYS C 233 -10.84 24.69 -23.45
CA LYS C 233 -11.61 25.92 -23.67
C LYS C 233 -12.64 25.73 -24.77
N GLU C 234 -12.36 24.89 -25.76
CA GLU C 234 -13.37 24.61 -26.78
C GLU C 234 -14.58 23.95 -26.16
N VAL C 235 -14.36 23.04 -25.21
CA VAL C 235 -15.47 22.43 -24.50
C VAL C 235 -16.21 23.47 -23.66
N LEU C 236 -15.46 24.29 -22.92
CA LEU C 236 -16.08 25.31 -22.08
C LEU C 236 -16.92 26.28 -22.90
N LYS C 237 -16.41 26.69 -24.07
CA LYS C 237 -17.20 27.56 -24.94
C LYS C 237 -18.45 26.86 -25.46
N GLN C 238 -18.31 25.59 -25.86
CA GLN C 238 -19.46 24.86 -26.37
C GLN C 238 -20.56 24.75 -25.32
N GLU C 239 -20.20 24.55 -24.06
CA GLU C 239 -21.17 24.45 -22.98
C GLU C 239 -21.58 25.81 -22.42
N LYS C 240 -21.18 26.91 -23.07
CA LYS C 240 -21.60 28.26 -22.68
C LYS C 240 -21.12 28.63 -21.28
N ILE C 241 -20.01 28.03 -20.85
CA ILE C 241 -19.43 28.38 -19.55
C ILE C 241 -18.58 29.63 -19.66
N ILE C 242 -17.88 29.77 -20.79
CA ILE C 242 -17.12 30.99 -21.08
C ILE C 242 -17.55 31.44 -22.47
N PRO C 243 -17.50 32.74 -22.78
CA PRO C 243 -17.88 33.22 -24.11
C PRO C 243 -16.93 32.76 -25.21
N GLU D 2 -20.30 6.12 34.69
CA GLU D 2 -20.67 5.57 33.38
C GLU D 2 -19.69 6.02 32.31
N TRP D 3 -19.50 5.16 31.32
CA TRP D 3 -18.55 5.38 30.24
C TRP D 3 -19.24 5.23 28.90
N GLN D 4 -18.92 6.11 27.97
CA GLN D 4 -19.48 6.07 26.63
C GLN D 4 -18.34 6.07 25.63
N GLU D 5 -18.43 5.21 24.63
CA GLU D 5 -17.39 5.09 23.62
C GLU D 5 -17.82 5.89 22.39
N ASN D 6 -16.91 6.73 21.89
CA ASN D 6 -17.20 7.56 20.73
C ASN D 6 -16.09 7.28 19.71
N LYS D 7 -16.34 6.30 18.85
CA LYS D 7 -15.36 5.88 17.86
C LYS D 7 -15.13 6.93 16.78
N SER D 8 -15.97 7.96 16.71
CA SER D 8 -15.74 9.01 15.72
C SER D 8 -14.44 9.75 15.99
N TRP D 9 -13.96 9.75 17.23
CA TRP D 9 -12.67 10.35 17.53
C TRP D 9 -11.52 9.60 16.87
N ASN D 10 -11.72 8.32 16.53
CA ASN D 10 -10.66 7.57 15.87
C ASN D 10 -10.18 8.28 14.61
N ALA D 11 -11.05 9.05 13.97
CA ALA D 11 -10.65 9.76 12.77
C ALA D 11 -9.44 10.65 13.03
N HIS D 12 -9.37 11.26 14.22
CA HIS D 12 -8.25 12.13 14.55
C HIS D 12 -6.94 11.36 14.65
N PHE D 13 -7.00 10.09 15.04
CA PHE D 13 -5.81 9.26 15.04
C PHE D 13 -5.49 8.76 13.65
N THR D 14 -6.51 8.29 12.93
CA THR D 14 -6.31 7.77 11.58
C THR D 14 -5.79 8.86 10.66
N GLU D 15 -6.16 10.12 10.93
CA GLU D 15 -5.70 11.25 10.14
C GLU D 15 -4.18 11.28 10.04
N HIS D 16 -3.49 10.84 11.10
CA HIS D 16 -2.04 10.78 11.13
C HIS D 16 -1.51 9.35 11.08
N LYS D 17 -2.33 8.40 10.63
CA LYS D 17 -1.94 6.98 10.61
C LYS D 17 -1.32 6.58 11.94
N SER D 18 -1.94 7.02 13.02
CA SER D 18 -1.48 6.73 14.37
C SER D 18 -2.57 5.97 15.11
N GLN D 19 -2.24 5.53 16.32
CA GLN D 19 -3.16 4.78 17.15
C GLN D 19 -3.02 5.26 18.58
N GLY D 20 -4.15 5.38 19.27
CA GLY D 20 -4.10 5.84 20.64
C GLY D 20 -5.48 5.98 21.22
N VAL D 21 -5.55 6.62 22.38
CA VAL D 21 -6.80 6.80 23.10
C VAL D 21 -6.83 8.19 23.70
N VAL D 22 -8.01 8.81 23.63
CA VAL D 22 -8.31 10.01 24.42
C VAL D 22 -9.42 9.63 25.39
N VAL D 23 -9.26 10.01 26.65
CA VAL D 23 -10.25 9.80 27.70
C VAL D 23 -10.61 11.16 28.27
N LEU D 24 -11.91 11.45 28.34
CA LEU D 24 -12.43 12.66 28.95
C LEU D 24 -13.37 12.32 30.10
N TRP D 25 -13.35 13.15 31.13
CA TRP D 25 -14.24 13.00 32.27
C TRP D 25 -14.90 14.33 32.58
N ASN D 26 -16.22 14.35 32.50
CA ASN D 26 -17.03 15.52 32.82
C ASN D 26 -17.29 15.53 34.32
N GLU D 27 -16.64 16.46 35.03
CA GLU D 27 -16.71 16.45 36.49
C GLU D 27 -18.13 16.73 36.98
N ASN D 28 -18.82 17.72 36.40
CA ASN D 28 -20.18 18.04 36.85
C ASN D 28 -21.09 16.83 36.70
N LYS D 29 -21.05 16.17 35.55
CA LYS D 29 -21.98 15.10 35.24
C LYS D 29 -21.49 13.74 35.70
N GLN D 30 -20.24 13.62 36.11
CA GLN D 30 -19.66 12.35 36.54
C GLN D 30 -19.83 11.29 35.46
N GLN D 31 -19.44 11.67 34.23
CA GLN D 31 -19.53 10.80 33.07
C GLN D 31 -18.22 10.85 32.29
N GLY D 32 -17.83 9.70 31.75
CA GLY D 32 -16.59 9.56 30.99
C GLY D 32 -16.86 9.25 29.53
N PHE D 33 -15.92 9.64 28.67
CA PHE D 33 -16.02 9.47 27.23
C PHE D 33 -14.66 9.07 26.67
N THR D 34 -14.64 8.13 25.73
CA THR D 34 -13.38 7.71 25.14
C THR D 34 -13.63 7.11 23.77
N ASN D 35 -12.59 7.12 22.93
CA ASN D 35 -12.71 6.46 21.64
C ASN D 35 -12.44 4.97 21.72
N ASN D 36 -11.87 4.47 22.83
CA ASN D 36 -11.42 3.09 22.92
C ASN D 36 -11.46 2.68 24.39
N LEU D 37 -12.55 2.05 24.79
CA LEU D 37 -12.72 1.64 26.19
C LEU D 37 -11.60 0.74 26.66
N LYS D 38 -11.16 -0.19 25.81
CA LYS D 38 -10.10 -1.11 26.19
C LYS D 38 -8.80 -0.37 26.45
N ARG D 39 -8.32 0.39 25.47
CA ARG D 39 -7.05 1.06 25.64
C ARG D 39 -7.12 2.11 26.74
N ALA D 40 -8.31 2.69 26.96
CA ALA D 40 -8.48 3.61 28.08
C ALA D 40 -8.09 2.96 29.40
N ASN D 41 -8.22 1.64 29.50
CA ASN D 41 -7.88 0.91 30.71
C ASN D 41 -6.59 0.13 30.59
N GLN D 42 -5.82 0.33 29.53
CA GLN D 42 -4.54 -0.35 29.41
C GLN D 42 -3.48 0.44 30.16
N ALA D 43 -2.69 -0.26 30.97
CA ALA D 43 -1.73 0.38 31.85
C ALA D 43 -0.36 0.39 31.17
N PHE D 44 0.24 1.57 31.09
CA PHE D 44 1.56 1.80 30.50
C PHE D 44 2.50 2.41 31.54
N LEU D 45 3.78 2.41 31.21
CA LEU D 45 4.74 3.20 31.98
C LEU D 45 4.27 4.66 31.96
N PRO D 46 4.28 5.35 33.11
CA PRO D 46 3.86 6.76 33.11
C PRO D 46 4.87 7.71 32.50
N ALA D 47 6.15 7.32 32.45
CA ALA D 47 7.23 8.20 32.03
C ALA D 47 7.07 9.54 32.74
N SER D 48 7.28 10.65 32.03
CA SER D 48 7.36 11.95 32.70
C SER D 48 6.02 12.42 33.28
N THR D 49 4.89 11.76 33.00
CA THR D 49 3.68 12.10 33.75
C THR D 49 3.85 11.77 35.22
N PHE D 50 4.83 10.93 35.56
CA PHE D 50 5.11 10.62 36.95
C PHE D 50 5.66 11.85 37.68
N KCX D 51 6.06 12.88 36.94
CA KCX D 51 6.59 14.06 37.61
CB KCX D 51 7.16 15.06 36.58
CG KCX D 51 8.50 14.57 35.99
CD KCX D 51 9.26 15.63 35.17
CE KCX D 51 10.67 15.11 34.79
NZ KCX D 51 10.53 13.92 33.90
C KCX D 51 5.50 14.72 38.48
O KCX D 51 5.82 15.47 39.40
CX KCX D 51 10.69 12.69 34.39
OQ1 KCX D 51 10.55 11.72 33.63
OQ2 KCX D 51 10.98 12.51 35.59
H KCX D 51 6.04 12.92 36.08
HA KCX D 51 7.32 13.79 38.20
HB2 KCX D 51 6.54 15.17 35.86
HG2 KCX D 51 9.09 14.28 36.71
HD2 KCX D 51 9.37 16.43 35.70
HE2 KCX D 51 11.14 15.79 34.29
N ILE D 52 4.22 14.42 38.23
CA ILE D 52 3.15 14.94 39.10
C ILE D 52 3.22 14.31 40.50
N PRO D 53 3.09 12.99 40.63
CA PRO D 53 3.23 12.41 41.98
C PRO D 53 4.62 12.62 42.57
N ASN D 54 5.67 12.57 41.75
CA ASN D 54 7.02 12.79 42.27
C ASN D 54 7.16 14.19 42.88
N SER D 55 6.62 15.21 42.20
CA SER D 55 6.63 16.58 42.75
C SER D 55 5.89 16.64 44.08
N LEU D 56 4.69 16.05 44.14
CA LEU D 56 3.89 16.07 45.36
C LEU D 56 4.65 15.47 46.51
N ILE D 57 5.30 14.33 46.28
CA ILE D 57 6.02 13.63 47.34
C ILE D 57 7.23 14.46 47.78
N ALA D 58 7.99 14.96 46.81
CA ALA D 58 9.17 15.74 47.16
C ALA D 58 8.79 16.98 47.97
N LEU D 59 7.70 17.64 47.61
CA LEU D 59 7.27 18.81 48.37
C LEU D 59 6.82 18.42 49.77
N ASP D 60 6.01 17.36 49.87
CA ASP D 60 5.46 17.04 51.19
C ASP D 60 6.52 16.56 52.16
N LEU D 61 7.61 15.97 51.65
CA LEU D 61 8.70 15.51 52.50
C LEU D 61 9.75 16.58 52.75
N GLY D 62 9.63 17.74 52.11
CA GLY D 62 10.64 18.76 52.26
C GLY D 62 11.86 18.55 51.41
N VAL D 63 11.86 17.56 50.52
CA VAL D 63 12.95 17.42 49.55
C VAL D 63 13.02 18.66 48.67
N VAL D 64 11.86 19.21 48.32
CA VAL D 64 11.75 20.50 47.65
C VAL D 64 11.08 21.46 48.63
N LYS D 65 11.75 22.59 48.90
CA LYS D 65 11.23 23.53 49.88
C LYS D 65 10.06 24.31 49.31
N ASP D 66 10.19 24.81 48.10
CA ASP D 66 9.10 25.53 47.43
C ASP D 66 9.43 25.58 45.95
N GLU D 67 8.57 26.26 45.20
CA GLU D 67 8.68 26.33 43.75
C GLU D 67 9.77 27.29 43.29
N HIS D 68 10.46 27.95 44.21
CA HIS D 68 11.57 28.84 43.88
C HIS D 68 12.94 28.21 44.09
N GLN D 69 13.02 27.12 44.84
CA GLN D 69 14.31 26.49 45.11
C GLN D 69 14.97 26.10 43.79
N VAL D 70 16.26 26.44 43.67
CA VAL D 70 17.01 26.23 42.43
C VAL D 70 17.79 24.94 42.54
N PHE D 71 17.63 24.08 41.55
CA PHE D 71 18.40 22.84 41.43
C PHE D 71 19.46 23.07 40.37
N LYS D 72 20.70 23.23 40.81
CA LYS D 72 21.80 23.58 39.92
C LYS D 72 22.06 22.46 38.93
N TRP D 73 22.32 22.85 37.68
CA TRP D 73 22.83 21.93 36.68
C TRP D 73 24.06 21.21 37.21
N ASP D 74 24.10 19.89 37.05
CA ASP D 74 25.24 19.12 37.52
C ASP D 74 26.45 19.19 36.58
N GLY D 75 26.36 19.96 35.50
CA GLY D 75 27.47 20.12 34.58
C GLY D 75 27.63 19.03 33.54
N GLN D 76 26.74 18.04 33.51
CA GLN D 76 26.80 16.98 32.51
C GLN D 76 25.95 17.39 31.31
N THR D 77 26.58 17.55 30.15
CA THR D 77 25.85 17.94 28.96
C THR D 77 25.02 16.77 28.46
N ARG D 78 23.71 16.96 28.41
CA ARG D 78 22.77 15.94 27.97
C ARG D 78 22.16 16.36 26.64
N ASP D 79 21.41 15.43 26.04
CA ASP D 79 20.98 15.61 24.66
C ASP D 79 19.83 16.61 24.50
N ILE D 80 19.17 16.99 25.58
CA ILE D 80 18.11 18.00 25.54
C ILE D 80 18.69 19.28 26.13
N ALA D 81 18.89 20.29 25.28
CA ALA D 81 19.61 21.49 25.69
C ALA D 81 18.97 22.15 26.92
N THR D 82 17.64 22.17 26.99
CA THR D 82 16.99 22.87 28.09
C THR D 82 17.30 22.23 29.44
N TRP D 83 17.80 21.00 29.44
CA TRP D 83 18.18 20.34 30.69
C TRP D 83 19.53 20.83 31.21
N ASN D 84 20.33 21.45 30.36
CA ASN D 84 21.70 21.82 30.72
C ASN D 84 21.76 23.23 31.30
N ARG D 85 20.96 23.44 32.34
CA ARG D 85 20.86 24.74 33.00
C ARG D 85 20.24 24.53 34.38
N ASP D 86 20.24 25.59 35.18
CA ASP D 86 19.57 25.54 36.47
C ASP D 86 18.05 25.53 36.27
N HIS D 87 17.35 24.91 37.21
CA HIS D 87 15.89 24.83 37.15
C HIS D 87 15.31 25.01 38.55
N ASN D 88 14.06 25.42 38.58
CA ASN D 88 13.24 25.29 39.76
C ASN D 88 12.11 24.30 39.44
N LEU D 89 11.19 24.13 40.39
CA LEU D 89 10.13 23.15 40.17
C LEU D 89 9.28 23.51 38.95
N ILE D 90 9.02 24.81 38.75
CA ILE D 90 8.19 25.23 37.62
C ILE D 90 8.88 24.90 36.30
N THR D 91 10.14 25.30 36.17
CA THR D 91 10.84 25.08 34.90
C THR D 91 11.17 23.61 34.71
N ALA D 92 11.43 22.88 35.80
CA ALA D 92 11.73 21.45 35.67
C ALA D 92 10.54 20.69 35.14
N MET D 93 9.34 21.04 35.60
CA MET D 93 8.12 20.47 35.05
C MET D 93 7.95 20.87 33.59
N LYS D 94 8.07 22.16 33.30
CA LYS D 94 7.86 22.69 31.96
C LYS D 94 8.71 21.96 30.94
N TYR D 95 10.00 21.76 31.24
CA TYR D 95 10.93 21.14 30.31
C TYR D 95 11.18 19.65 30.62
N SER D 96 10.37 19.06 31.49
CA SER D 96 10.45 17.62 31.80
C SER D 96 11.89 17.20 32.08
N VAL D 97 12.51 17.89 33.04
CA VAL D 97 13.94 17.71 33.30
C VAL D 97 14.16 16.47 34.16
N VAL D 98 14.31 15.33 33.48
CA VAL D 98 14.49 14.05 34.16
C VAL D 98 15.56 14.09 35.25
N PRO D 99 16.77 14.61 34.99
CA PRO D 99 17.82 14.49 36.02
C PRO D 99 17.47 15.17 37.33
N VAL D 100 16.68 16.25 37.29
CA VAL D 100 16.25 16.89 38.53
C VAL D 100 15.34 15.96 39.33
N TYR D 101 14.40 15.31 38.65
CA TYR D 101 13.47 14.44 39.36
C TYR D 101 14.12 13.13 39.79
N GLN D 102 15.16 12.70 39.09
CA GLN D 102 15.92 11.56 39.56
C GLN D 102 16.57 11.87 40.90
N GLU D 103 17.11 13.07 41.05
CA GLU D 103 17.66 13.46 42.36
C GLU D 103 16.57 13.49 43.41
N PHE D 104 15.40 14.05 43.07
CA PHE D 104 14.25 13.98 43.98
C PHE D 104 14.02 12.56 44.45
N ALA D 105 13.94 11.64 43.49
CA ALA D 105 13.59 10.25 43.81
C ALA D 105 14.63 9.62 44.72
N ARG D 106 15.92 9.86 44.48
CA ARG D 106 16.94 9.29 45.35
C ARG D 106 16.80 9.80 46.77
N GLN D 107 16.48 11.09 46.94
CA GLN D 107 16.33 11.64 48.28
C GLN D 107 15.06 11.15 48.95
N ILE D 108 13.99 10.97 48.17
CA ILE D 108 12.77 10.37 48.70
C ILE D 108 13.05 8.97 49.23
N GLY D 109 13.71 8.15 48.43
CA GLY D 109 14.02 6.78 48.82
C GLY D 109 12.91 5.80 48.48
N GLU D 110 13.31 4.53 48.34
CA GLU D 110 12.38 3.48 47.94
C GLU D 110 11.22 3.36 48.91
N ALA D 111 11.52 3.34 50.21
CA ALA D 111 10.48 3.07 51.20
C ALA D 111 9.39 4.13 51.17
N ARG D 112 9.79 5.41 51.24
CA ARG D 112 8.79 6.47 51.27
C ARG D 112 8.09 6.60 49.92
N MET D 113 8.80 6.40 48.82
CA MET D 113 8.18 6.45 47.50
C MET D 113 7.09 5.38 47.39
N SER D 114 7.40 4.15 47.79
CA SER D 114 6.41 3.08 47.73
C SER D 114 5.23 3.39 48.62
N LYS D 115 5.51 3.87 49.84
CA LYS D 115 4.45 4.20 50.79
C LYS D 115 3.50 5.24 50.21
N MET D 116 4.07 6.26 49.55
CA MET D 116 3.25 7.35 49.03
C MET D 116 2.41 6.90 47.85
N LEU D 117 2.98 6.09 46.95
CA LEU D 117 2.19 5.66 45.80
C LEU D 117 1.04 4.77 46.23
N HIS D 118 1.22 3.96 47.28
CA HIS D 118 0.09 3.22 47.83
C HIS D 118 -0.96 4.18 48.37
N ALA D 119 -0.54 5.21 49.10
CA ALA D 119 -1.48 6.19 49.61
C ALA D 119 -2.23 6.88 48.48
N PHE D 120 -1.56 7.11 47.35
CA PHE D 120 -2.18 7.74 46.19
C PHE D 120 -3.08 6.81 45.39
N ASP D 121 -3.06 5.50 45.67
CA ASP D 121 -3.80 4.53 44.85
C ASP D 121 -3.34 4.62 43.40
N TYR D 122 -2.04 4.82 43.21
CA TYR D 122 -1.48 5.22 41.91
C TYR D 122 -1.14 3.99 41.08
N GLY D 123 -1.92 3.74 40.04
CA GLY D 123 -1.56 2.69 39.10
C GLY D 123 -1.46 1.36 39.79
N ASN D 124 -0.46 0.55 39.38
CA ASN D 124 -0.24 -0.73 40.04
C ASN D 124 0.64 -0.61 41.27
N GLU D 125 1.04 0.61 41.64
CA GLU D 125 1.74 0.89 42.88
C GLU D 125 3.08 0.15 42.99
N ASP D 126 3.66 -0.26 41.85
CA ASP D 126 4.85 -1.12 41.82
C ASP D 126 6.05 -0.29 41.36
N ILE D 127 6.98 -0.03 42.27
CA ILE D 127 8.16 0.80 41.97
C ILE D 127 9.39 -0.05 41.66
N SER D 128 9.19 -1.34 41.33
CA SER D 128 10.32 -2.23 41.08
C SER D 128 11.27 -1.65 40.03
N GLY D 129 12.56 -1.77 40.32
CA GLY D 129 13.56 -1.18 39.45
C GLY D 129 14.39 -0.16 40.20
N ASN D 130 15.10 0.70 39.48
CA ASN D 130 15.90 1.73 40.12
C ASN D 130 14.98 2.79 40.71
N VAL D 131 15.28 3.20 41.94
CA VAL D 131 14.44 4.20 42.59
C VAL D 131 14.40 5.48 41.77
N ASP D 132 15.45 5.75 40.99
CA ASP D 132 15.51 6.96 40.18
C ASP D 132 15.21 6.73 38.70
N SER D 133 14.61 5.59 38.34
CA SER D 133 14.19 5.43 36.94
C SER D 133 12.99 4.52 36.74
N PHE D 134 12.32 4.05 37.81
CA PHE D 134 11.29 3.03 37.63
C PHE D 134 10.12 3.53 36.80
N TRP D 135 9.84 4.84 36.81
CA TRP D 135 8.76 5.36 36.00
C TRP D 135 9.12 5.45 34.53
N LEU D 136 10.38 5.21 34.18
CA LEU D 136 10.86 5.18 32.81
C LEU D 136 11.16 3.78 32.30
N ASP D 137 11.65 2.88 33.17
CA ASP D 137 12.01 1.54 32.71
C ASP D 137 11.83 0.49 33.79
N GLY D 138 11.04 0.78 34.83
CA GLY D 138 10.75 -0.16 35.88
C GLY D 138 9.38 -0.79 35.74
N GLY D 139 8.84 -1.22 36.87
CA GLY D 139 7.63 -2.03 36.90
C GLY D 139 6.33 -1.29 37.08
N ILE D 140 6.35 0.03 37.27
CA ILE D 140 5.12 0.78 37.54
C ILE D 140 4.33 0.92 36.24
N ARG D 141 2.99 0.81 36.35
CA ARG D 141 2.10 0.90 35.20
C ARG D 141 0.84 1.63 35.62
N ILE D 142 0.28 2.43 34.71
CA ILE D 142 -0.93 3.19 35.01
C ILE D 142 -1.69 3.40 33.71
N SER D 143 -3.01 3.28 33.77
CA SER D 143 -3.88 3.48 32.62
C SER D 143 -4.37 4.92 32.56
N ALA D 144 -4.94 5.29 31.41
CA ALA D 144 -5.50 6.63 31.25
C ALA D 144 -6.62 6.90 32.25
N THR D 145 -7.48 5.90 32.50
CA THR D 145 -8.55 6.14 33.46
C THR D 145 -8.00 6.26 34.88
N GLU D 146 -6.93 5.52 35.20
CA GLU D 146 -6.29 5.65 36.50
C GLU D 146 -5.60 7.01 36.66
N GLN D 147 -5.05 7.56 35.57
CA GLN D 147 -4.51 8.92 35.62
C GLN D 147 -5.60 9.91 35.99
N ILE D 148 -6.77 9.80 35.36
CA ILE D 148 -7.87 10.71 35.65
C ILE D 148 -8.30 10.57 37.12
N SER D 149 -8.45 9.33 37.60
CA SER D 149 -8.84 9.14 38.99
C SER D 149 -7.86 9.82 39.92
N PHE D 150 -6.57 9.69 39.65
CA PHE D 150 -5.54 10.34 40.45
C PHE D 150 -5.61 11.86 40.32
N LEU D 151 -5.78 12.36 39.09
CA LEU D 151 -5.87 13.80 38.88
C LEU D 151 -7.11 14.39 39.57
N ARG D 152 -8.21 13.65 39.60
CA ARG D 152 -9.40 14.17 40.29
C ARG D 152 -9.12 14.38 41.77
N LYS D 153 -8.40 13.46 42.41
CA LYS D 153 -8.05 13.68 43.81
C LYS D 153 -7.18 14.93 43.96
N LEU D 154 -6.19 15.08 43.07
CA LEU D 154 -5.34 16.26 43.15
C LEU D 154 -6.15 17.53 42.98
N TYR D 155 -7.05 17.55 41.99
CA TYR D 155 -7.85 18.75 41.76
C TYR D 155 -8.60 19.14 43.03
N HIS D 156 -9.12 18.16 43.76
CA HIS D 156 -9.93 18.42 44.94
C HIS D 156 -9.12 18.46 46.22
N ASN D 157 -7.79 18.44 46.13
CA ASN D 157 -6.90 18.42 47.30
C ASN D 157 -7.19 17.22 48.21
N LYS D 158 -7.56 16.10 47.60
CA LYS D 158 -7.92 14.89 48.34
C LYS D 158 -6.78 13.88 48.46
N LEU D 159 -5.62 14.15 47.88
CA LEU D 159 -4.49 13.25 48.07
C LEU D 159 -3.94 13.39 49.47
N HIS D 160 -3.27 12.33 49.95
CA HIS D 160 -2.77 12.30 51.32
C HIS D 160 -1.39 12.93 51.41
N VAL D 161 -1.33 14.18 50.96
CA VAL D 161 -0.25 15.11 51.22
C VAL D 161 -0.91 16.44 51.58
N SER D 162 -0.09 17.41 51.98
CA SER D 162 -0.69 18.66 52.46
C SER D 162 -1.40 19.39 51.32
N GLU D 163 -2.34 20.26 51.70
CA GLU D 163 -2.96 21.15 50.72
C GLU D 163 -1.90 21.98 50.00
N ARG D 164 -0.93 22.50 50.74
CA ARG D 164 0.11 23.32 50.13
C ARG D 164 0.82 22.57 49.01
N SER D 165 1.23 21.33 49.27
CA SER D 165 1.90 20.54 48.24
C SER D 165 1.03 20.42 47.00
N GLN D 166 -0.26 20.17 47.18
CA GLN D 166 -1.13 19.98 46.03
C GLN D 166 -1.30 21.29 45.27
N ARG D 167 -1.43 22.41 45.99
CA ARG D 167 -1.53 23.70 45.30
C ARG D 167 -0.27 24.00 44.48
N ILE D 168 0.91 23.75 45.05
CA ILE D 168 2.14 24.07 44.34
C ILE D 168 2.26 23.24 43.07
N VAL D 169 1.95 21.94 43.16
CA VAL D 169 2.08 21.10 41.98
C VAL D 169 1.09 21.54 40.91
N LYS D 170 -0.14 21.89 41.29
CA LYS D 170 -1.10 22.35 40.29
C LYS D 170 -0.65 23.66 39.68
N GLN D 171 -0.01 24.53 40.46
CA GLN D 171 0.63 25.70 39.88
C GLN D 171 1.68 25.27 38.86
N ALA D 172 2.54 24.32 39.24
CA ALA D 172 3.60 23.89 38.33
C ALA D 172 3.05 23.17 37.11
N MET D 173 1.82 22.67 37.18
CA MET D 173 1.22 22.02 36.02
C MET D 173 0.63 23.00 35.03
N LEU D 174 0.57 24.29 35.37
CA LEU D 174 -0.05 25.26 34.47
C LEU D 174 0.63 25.21 33.11
N THR D 175 -0.17 25.00 32.08
CA THR D 175 0.31 24.84 30.72
C THR D 175 -0.21 25.92 29.80
N GLU D 176 -1.50 26.25 29.91
CA GLU D 176 -2.09 27.23 29.02
C GLU D 176 -3.26 27.90 29.75
N ALA D 177 -3.41 29.20 29.51
CA ALA D 177 -4.55 29.92 30.06
C ALA D 177 -4.87 31.09 29.15
N ASN D 178 -6.17 31.26 28.89
CA ASN D 178 -6.67 32.39 28.15
C ASN D 178 -8.06 32.70 28.67
N GLY D 179 -8.78 33.58 27.98
CA GLY D 179 -10.10 33.96 28.46
C GLY D 179 -11.13 32.86 28.39
N ASP D 180 -10.81 31.73 27.75
CA ASP D 180 -11.77 30.66 27.53
C ASP D 180 -11.52 29.43 28.40
N TYR D 181 -10.30 29.14 28.79
CA TYR D 181 -10.02 27.95 29.57
C TYR D 181 -8.64 28.05 30.18
N ILE D 182 -8.38 27.18 31.15
CA ILE D 182 -7.06 26.94 31.73
C ILE D 182 -6.78 25.46 31.59
N ILE D 183 -5.60 25.12 31.13
CA ILE D 183 -5.15 23.72 31.07
C ILE D 183 -4.01 23.56 32.05
N ARG D 184 -4.17 22.62 32.97
CA ARG D 184 -3.11 22.13 33.82
C ARG D 184 -2.87 20.68 33.42
N ALA D 185 -1.62 20.34 33.09
CA ALA D 185 -1.35 19.05 32.46
C ALA D 185 0.14 18.74 32.56
N LYS D 186 0.48 17.50 32.19
CA LYS D 186 1.87 17.07 32.09
C LYS D 186 2.00 16.09 30.93
N THR D 187 3.02 16.32 30.09
CA THR D 187 3.35 15.42 29.01
C THR D 187 4.21 14.27 29.50
N GLY D 188 4.22 13.20 28.73
CA GLY D 188 5.10 12.08 28.98
C GLY D 188 5.52 11.46 27.68
N TYR D 189 6.71 10.86 27.69
CA TYR D 189 7.29 10.25 26.50
C TYR D 189 8.06 9.01 26.97
N SER D 190 7.51 7.83 26.69
CA SER D 190 8.06 6.57 27.18
C SER D 190 8.84 5.92 26.04
N THR D 191 10.16 5.84 26.20
CA THR D 191 11.03 5.36 25.15
C THR D 191 11.91 4.17 25.56
N ARG D 192 12.09 3.92 26.85
CA ARG D 192 13.08 2.93 27.25
C ARG D 192 12.58 1.50 27.11
N ILE D 193 11.26 1.30 27.20
CA ILE D 193 10.66 -0.03 27.11
C ILE D 193 9.52 0.03 26.11
N GLU D 194 9.45 -0.96 25.23
CA GLU D 194 8.37 -0.99 24.27
C GLU D 194 7.05 -1.26 24.99
N PRO D 195 5.93 -0.75 24.45
CA PRO D 195 5.87 0.07 23.24
C PRO D 195 6.14 1.54 23.54
N LYS D 196 6.84 2.22 22.64
CA LYS D 196 7.05 3.65 22.82
C LYS D 196 5.72 4.38 22.68
N ILE D 197 5.40 5.24 23.64
CA ILE D 197 4.14 5.96 23.63
C ILE D 197 4.37 7.39 24.11
N GLY D 198 3.43 8.26 23.76
CA GLY D 198 3.35 9.60 24.31
C GLY D 198 2.11 9.71 25.18
N TRP D 199 2.23 10.51 26.24
CA TRP D 199 1.16 10.83 27.17
C TRP D 199 0.86 12.32 27.15
N TRP D 200 -0.40 12.66 27.43
CA TRP D 200 -0.75 13.98 27.92
C TRP D 200 -1.92 13.81 28.88
N VAL D 201 -1.74 14.24 30.12
CA VAL D 201 -2.77 14.08 31.14
C VAL D 201 -2.92 15.40 31.89
N GLY D 202 -4.15 15.70 32.29
CA GLY D 202 -4.43 16.90 33.03
C GLY D 202 -5.90 17.23 33.05
N TRP D 203 -6.23 18.52 33.01
CA TRP D 203 -7.63 18.90 32.96
C TRP D 203 -7.78 20.28 32.35
N VAL D 204 -9.00 20.55 31.89
CA VAL D 204 -9.40 21.83 31.31
C VAL D 204 -10.37 22.47 32.27
N GLU D 205 -10.01 23.62 32.81
CA GLU D 205 -10.88 24.38 33.71
C GLU D 205 -11.73 25.33 32.88
N LEU D 206 -13.05 25.25 33.06
CA LEU D 206 -13.99 26.19 32.49
C LEU D 206 -14.63 27.00 33.61
N ASP D 207 -15.39 28.04 33.21
CA ASP D 207 -16.10 28.86 34.18
C ASP D 207 -16.94 28.00 35.12
N ASP D 208 -17.65 27.01 34.58
CA ASP D 208 -18.68 26.29 35.32
C ASP D 208 -18.51 24.77 35.28
N ASN D 209 -17.33 24.26 34.93
CA ASN D 209 -17.11 22.82 34.87
C ASN D 209 -15.62 22.58 34.76
N VAL D 210 -15.22 21.32 34.95
CA VAL D 210 -13.85 20.87 34.74
C VAL D 210 -13.92 19.58 33.94
N TRP D 211 -13.14 19.51 32.87
CA TRP D 211 -13.02 18.31 32.05
C TRP D 211 -11.62 17.75 32.27
N PHE D 212 -11.55 16.60 32.94
CA PHE D 212 -10.29 15.89 33.07
C PHE D 212 -10.02 15.11 31.79
N PHE D 213 -8.74 14.97 31.46
CA PHE D 213 -8.37 14.23 30.26
C PHE D 213 -7.09 13.44 30.50
N ALA D 214 -7.00 12.32 29.78
CA ALA D 214 -5.77 11.54 29.73
C ALA D 214 -5.73 10.86 28.37
N MET D 215 -4.64 11.05 27.64
CA MET D 215 -4.47 10.45 26.33
C MET D 215 -3.11 9.80 26.27
N ASN D 216 -3.02 8.69 25.53
CA ASN D 216 -1.72 8.19 25.10
C ASN D 216 -1.85 7.71 23.67
N MET D 217 -0.71 7.60 23.00
CA MET D 217 -0.66 7.23 21.60
C MET D 217 0.68 6.59 21.30
N ASP D 218 0.69 5.68 20.34
CA ASP D 218 1.95 5.10 19.90
C ASP D 218 2.85 6.20 19.37
N MET D 219 4.13 6.11 19.72
CA MET D 219 5.11 7.17 19.42
C MET D 219 6.40 6.50 18.99
N PRO D 220 6.42 5.91 17.80
CA PRO D 220 7.64 5.21 17.36
C PRO D 220 8.83 6.14 17.16
N THR D 221 8.60 7.43 16.90
CA THR D 221 9.67 8.40 16.82
C THR D 221 9.21 9.70 17.46
N SER D 222 10.18 10.56 17.79
CA SER D 222 9.88 11.84 18.41
C SER D 222 9.21 12.82 17.46
N ASP D 223 9.12 12.47 16.17
CA ASP D 223 8.55 13.40 15.19
C ASP D 223 7.07 13.67 15.46
N GLY D 224 6.39 12.75 16.12
CA GLY D 224 4.96 12.88 16.36
C GLY D 224 4.57 13.46 17.70
N LEU D 225 5.53 13.94 18.50
CA LEU D 225 5.21 14.34 19.87
C LEU D 225 4.14 15.43 19.91
N GLY D 226 4.18 16.37 18.96
CA GLY D 226 3.19 17.43 18.94
C GLY D 226 1.76 16.95 18.78
N LEU D 227 1.57 15.72 18.32
CA LEU D 227 0.24 15.17 18.14
C LEU D 227 -0.45 14.87 19.46
N ARG D 228 0.30 14.71 20.55
CA ARG D 228 -0.33 14.47 21.84
C ARG D 228 -1.31 15.58 22.18
N GLN D 229 -0.85 16.82 22.11
CA GLN D 229 -1.71 17.97 22.38
C GLN D 229 -2.67 18.24 21.24
N ALA D 230 -2.19 18.12 20.00
CA ALA D 230 -3.01 18.47 18.84
C ALA D 230 -4.23 17.57 18.72
N ILE D 231 -4.04 16.25 18.86
CA ILE D 231 -5.17 15.34 18.78
C ILE D 231 -6.13 15.58 19.94
N THR D 232 -5.59 15.73 21.15
CA THR D 232 -6.44 16.02 22.30
C THR D 232 -7.30 17.25 22.04
N LYS D 233 -6.69 18.32 21.50
CA LYS D 233 -7.45 19.55 21.27
C LYS D 233 -8.48 19.38 20.16
N GLU D 234 -8.21 18.53 19.17
CA GLU D 234 -9.22 18.25 18.15
C GLU D 234 -10.43 17.58 18.76
N VAL D 235 -10.21 16.68 19.71
CA VAL D 235 -11.32 16.06 20.43
C VAL D 235 -12.05 17.10 21.28
N LEU D 236 -11.31 17.92 22.01
CA LEU D 236 -11.94 18.94 22.84
C LEU D 236 -12.77 19.90 22.00
N LYS D 237 -12.25 20.32 20.86
CA LYS D 237 -13.01 21.20 19.96
C LYS D 237 -14.24 20.48 19.42
N GLN D 238 -14.09 19.21 19.05
CA GLN D 238 -15.23 18.47 18.52
C GLN D 238 -16.35 18.37 19.54
N GLU D 239 -16.00 18.20 20.82
CA GLU D 239 -16.98 18.09 21.88
C GLU D 239 -17.41 19.44 22.44
N LYS D 240 -17.00 20.54 21.79
CA LYS D 240 -17.44 21.88 22.14
C LYS D 240 -17.02 22.27 23.55
N ILE D 241 -15.90 21.71 24.02
CA ILE D 241 -15.35 22.07 25.32
C ILE D 241 -14.48 23.31 25.21
N ILE D 242 -13.75 23.47 24.10
CA ILE D 242 -12.98 24.68 23.84
C ILE D 242 -13.37 25.14 22.45
N PRO D 243 -13.25 26.45 22.14
CA PRO D 243 -13.60 26.95 20.80
C PRO D 243 -12.68 26.39 19.71
N GA6 E . 6.82 -14.02 -0.88
C GA6 E . 8.27 -13.97 1.43
O GA6 E . 14.95 -17.09 -6.05
C1 GA6 E . 7.85 -14.28 -1.83
C10 GA6 E . 12.75 -15.62 -6.76
C11 GA6 E . 12.99 -15.95 -5.43
C12 GA6 E . 14.20 -16.73 -5.05
C13 GA6 E . 12.06 -15.59 -4.46
C2 GA6 E . 7.52 -14.79 -3.08
C3 GA6 E . 8.49 -14.98 -4.04
C4 GA6 E . 9.18 -13.97 -1.57
C5 GA6 E . 10.15 -14.17 -2.54
C6 GA6 E . 9.83 -14.67 -3.79
C7 GA6 E . 10.87 -14.93 -4.80
C8 GA6 E . 10.66 -14.61 -6.15
C9 GA6 E . 11.59 -14.95 -7.11
O1 GA6 E . 14.47 -16.97 -3.88
O2 GA6 E . 7.13 -11.91 0.34
O3 GA6 E . 5.69 -13.69 1.28
S GA6 E . 6.88 -13.30 0.58
H1 GA6 E . 9.11 -13.28 1.48
H GA6 E . 8.70 -14.86 0.99
H2 GA6 E . 8.10 -14.24 2.47
H10 GA6 E . 13.47 -15.90 -7.53
H12 GA6 E . 12.23 -15.82 -3.42
H4 GA6 E . 6.49 -15.05 -3.36
H5 GA6 E . 8.20 -15.36 -5.02
H6 GA6 E . 9.48 -13.57 -0.60
H7 GA6 E . 11.19 -13.92 -2.30
H8 GA6 E . 9.76 -14.08 -6.44
H9 GA6 E . 11.41 -14.69 -8.16
H3 GA6 E . 5.94 -14.36 -1.23
C1 EDO F . 27.46 -33.18 -15.37
O1 EDO F . 28.38 -33.26 -16.45
C2 EDO F . 26.54 -34.40 -15.41
O2 EDO F . 25.47 -34.22 -14.49
H11 EDO F . 28.00 -33.16 -14.42
H12 EDO F . 26.87 -32.28 -15.46
HO1 EDO F . 28.97 -32.49 -16.43
H21 EDO F . 26.15 -34.53 -16.43
H22 EDO F . 27.10 -35.30 -15.15
HO2 EDO F . 24.88 -34.99 -14.51
C1 EDO G . 10.62 -3.44 -15.85
O1 EDO G . 11.94 -2.89 -15.66
C2 EDO G . 10.02 -3.82 -14.50
O2 EDO G . 10.01 -2.69 -13.63
H11 EDO G . 10.69 -4.32 -16.49
H12 EDO G . 9.99 -2.70 -16.35
HO1 EDO G . 12.32 -2.66 -16.52
H21 EDO G . 9.01 -4.19 -14.64
H22 EDO G . 10.62 -4.62 -14.05
HO2 EDO G . 9.62 -2.94 -12.78
C1 EDO H . 37.78 -20.37 -10.32
O1 EDO H . 38.03 -21.78 -10.49
C2 EDO H . 38.82 -19.54 -11.05
O2 EDO H . 38.47 -19.44 -12.43
H11 EDO H . 36.80 -20.14 -10.71
H12 EDO H . 37.81 -20.13 -9.25
HO1 EDO H . 37.36 -22.28 -10.01
H21 EDO H . 38.87 -18.55 -10.61
H22 EDO H . 39.80 -20.01 -10.95
HO2 EDO H . 39.14 -18.90 -12.90
CL CL I . -31.54 -21.26 -12.09
N GA6 J . -4.84 -20.67 -2.03
C GA6 J . -4.32 -23.08 -0.90
O GA6 J . -12.78 -16.43 -6.52
C1 GA6 J . -5.87 -20.25 -2.93
C10 GA6 J . -10.64 -17.83 -7.55
C11 GA6 J . -10.93 -17.84 -6.19
C12 GA6 J . -12.10 -17.11 -5.65
C13 GA6 J . -10.03 -18.45 -5.30
C2 GA6 J . -7.21 -20.50 -2.68
C3 GA6 J . -8.16 -20.12 -3.61
C4 GA6 J . -5.50 -19.60 -4.11
C5 GA6 J . -6.47 -19.24 -5.02
C6 GA6 J . -7.82 -19.48 -4.80
C7 GA6 J . -8.85 -19.03 -5.76
C8 GA6 J . -8.60 -19.04 -7.13
C9 GA6 J . -9.49 -18.44 -8.01
O1 GA6 J . -12.41 -17.17 -4.46
O2 GA6 J . -3.99 -20.80 0.28
O3 GA6 J . -6.27 -21.55 -0.21
S GA6 J . -4.90 -21.46 -0.60
H1 GA6 J . -5.05 -23.86 -0.70
H GA6 J . -3.46 -23.40 -0.30
H2 GA6 J . -4.00 -23.29 -1.92
H10 GA6 J . -11.33 -17.36 -8.25
H12 GA6 J . -10.25 -18.49 -4.23
H4 GA6 J . -7.57 -20.98 -1.78
H5 GA6 J . -9.22 -20.32 -3.39
H6 GA6 J . -4.46 -19.38 -4.33
H7 GA6 J . -6.16 -18.74 -5.95
H8 GA6 J . -7.72 -19.52 -7.52
H9 GA6 J . -9.28 -18.46 -9.09
H3 GA6 J . -3.94 -20.40 -2.39
C1 EDO K . -36.40 -12.71 -10.57
O1 EDO K . -35.71 -11.46 -10.65
C2 EDO K . -35.97 -13.64 -11.72
O2 EDO K . -36.35 -13.08 -12.98
H11 EDO K . -36.19 -13.20 -9.62
H12 EDO K . -37.48 -12.55 -10.64
HO1 EDO K . -36.00 -10.89 -9.93
H21 EDO K . -36.44 -14.61 -11.59
H22 EDO K . -34.89 -13.77 -11.69
HO2 EDO K . -36.07 -13.67 -13.69
C1 EDO L . -9.01 -9.19 5.82
O1 EDO L . -8.84 -9.66 4.48
C2 EDO L . -8.00 -8.10 6.14
O2 EDO L . -7.91 -7.19 5.03
H11 EDO L . -10.03 -8.81 5.94
H12 EDO L . -8.88 -10.03 6.51
HO1 EDO L . -9.48 -10.36 4.29
H21 EDO L . -8.32 -7.56 7.03
H22 EDO L . -7.03 -8.54 6.34
HO2 EDO L . -7.27 -6.50 5.23
C1 EDO M . -19.17 -32.94 -13.74
O1 EDO M . -19.13 -33.55 -12.45
C2 EDO M . -18.02 -33.47 -14.57
O2 EDO M . -18.23 -34.86 -14.85
H11 EDO M . -20.12 -33.17 -14.23
H12 EDO M . -19.09 -31.85 -13.64
HO1 EDO M . -19.86 -33.21 -11.91
H21 EDO M . -17.96 -32.92 -15.51
H22 EDO M . -17.08 -33.35 -14.04
HO2 EDO M . -17.51 -35.20 -15.38
CL CL N . -6.16 35.16 -5.98
N GA6 O . 9.85 20.31 -23.76
C GA6 O . 12.02 20.51 -25.38
O GA6 O . 3.16 20.85 -16.23
C1 GA6 O . 9.19 20.27 -22.50
C10 GA6 O . 5.81 20.16 -16.28
C11 GA6 O . 5.14 20.55 -17.44
C12 GA6 O . 3.70 20.90 -17.41
C13 GA6 O . 5.84 20.57 -18.64
C2 GA6 O . 8.17 21.18 -22.23
C3 GA6 O . 7.55 21.18 -21.00
C4 GA6 O . 9.55 19.35 -21.54
C5 GA6 O . 8.92 19.35 -20.30
C6 GA6 O . 7.91 20.26 -20.01
C7 GA6 O . 7.19 20.22 -18.71
C8 GA6 O . 7.83 19.85 -17.53
C9 GA6 O . 7.15 19.82 -16.33
O1 GA6 O . 3.09 21.20 -18.43
O2 GA6 O . 11.94 19.13 -23.19
O3 GA6 O . 10.58 18.38 -25.10
S GA6 O . 11.12 19.45 -24.32
H1 GA6 O . 12.41 21.39 -24.88
H GA6 O . 11.45 20.94 -26.21
H2 GA6 O . 12.90 20.08 -25.85
H10 GA6 O . 5.28 20.14 -15.33
H12 GA6 O . 5.33 20.86 -19.57
H4 GA6 O . 7.83 21.93 -22.94
H5 GA6 O . 6.77 21.90 -20.80
H6 GA6 O . 10.34 18.62 -21.71
H7 GA6 O . 9.22 18.62 -19.55
H8 GA6 O . 8.89 19.57 -17.56
H9 GA6 O . 7.67 19.52 -15.43
H3 GA6 O . 9.43 21.02 -24.36
C1 EDO P . -16.56 15.23 -7.51
O1 EDO P . -16.43 14.32 -8.62
C2 EDO P . -16.99 14.48 -6.26
O2 EDO P . -16.73 15.28 -5.11
H11 EDO P . -15.60 15.72 -7.33
H12 EDO P . -17.30 16.00 -7.76
HO1 EDO P . -16.15 14.82 -9.40
H21 EDO P . -18.06 14.25 -6.33
H22 EDO P . -16.45 13.54 -6.19
HO2 EDO P . -17.01 14.80 -4.32
C1 EDO Q . -14.46 32.42 -5.27
O1 EDO Q . -15.06 32.02 -4.04
C2 EDO Q . -15.50 32.34 -6.39
O2 EDO Q . -15.97 30.99 -6.53
H11 EDO Q . -14.10 33.45 -5.19
H12 EDO Q . -13.62 31.77 -5.50
HO1 EDO Q . -14.41 32.08 -3.33
H21 EDO Q . -16.33 33.00 -6.18
H22 EDO Q . -15.04 32.66 -7.33
HO2 EDO Q . -16.63 30.94 -7.23
C1 EDO R . 16.04 24.43 -7.15
O1 EDO R . 17.29 24.77 -7.77
C2 EDO R . 16.12 24.54 -5.63
O2 EDO R . 16.27 25.92 -5.25
H11 EDO R . 15.25 25.09 -7.54
H12 EDO R . 15.78 23.41 -7.43
HO1 EDO R . 17.21 24.69 -8.73
H21 EDO R . 15.20 24.14 -5.19
H22 EDO R . 16.96 23.96 -5.26
HO2 EDO R . 16.33 25.97 -4.28
C1 EDO S . -10.08 26.26 39.57
O1 EDO S . -10.58 25.86 40.84
C2 EDO S . -11.18 26.16 38.52
O2 EDO S . -11.62 24.79 38.39
H11 EDO S . -9.72 27.29 39.62
H12 EDO S . -9.25 25.62 39.28
HO1 EDO S . -9.88 25.92 41.50
H21 EDO S . -12.02 26.79 38.80
H22 EDO S . -10.81 26.51 37.55
HO2 EDO S . -12.32 24.74 37.72
C1 EDO T . 21.02 18.23 36.80
O1 EDO T . 20.56 19.57 36.90
C2 EDO T . 20.86 17.54 38.15
O2 EDO T . 20.28 18.47 39.07
H11 EDO T . 20.45 17.69 36.04
H12 EDO T . 22.08 18.21 36.51
HO1 EDO T . 20.66 20.01 36.05
H21 EDO T . 20.21 16.66 38.05
H22 EDO T . 21.83 17.20 38.52
HO2 EDO T . 20.17 18.04 39.94
C1 EDO U . -12.08 8.97 37.48
O1 EDO U . -12.62 8.68 38.78
C2 EDO U . -12.73 8.10 36.42
O2 EDO U . -14.10 7.88 36.80
H11 EDO U . -12.25 10.02 37.24
H12 EDO U . -11.00 8.79 37.49
HO1 EDO U . -12.20 9.25 39.43
H21 EDO U . -12.68 8.60 35.45
H22 EDO U . -12.21 7.14 36.35
HO2 EDO U . -14.53 7.34 36.13
N GA6 V . 13.98 14.68 21.16
C GA6 V . 14.57 12.18 20.31
O GA6 V . 7.26 14.41 28.72
C1 GA6 V . 13.30 14.51 22.41
C10 GA6 V . 9.93 13.81 28.60
C11 GA6 V . 9.25 14.27 27.49
C12 GA6 V . 7.79 14.57 27.55
C13 GA6 V . 9.93 14.41 26.27
C2 GA6 V . 12.30 15.41 22.78
C3 GA6 V . 11.66 15.28 23.99
C4 GA6 V . 13.63 13.48 23.28
C5 GA6 V . 12.98 13.35 24.49
C6 GA6 V . 11.99 14.24 24.88
C7 GA6 V . 11.28 14.10 26.17
C8 GA6 V . 11.94 13.63 27.31
C9 GA6 V . 11.28 13.49 28.51
O1 GA6 V . 7.18 14.94 26.57
O2 GA6 V . 15.47 14.36 19.24
O3 GA6 V . 16.24 13.75 21.50
S GA6 V . 15.19 13.80 20.53
H1 GA6 V . 14.51 11.87 19.26
H GA6 V . 13.56 11.99 20.68
H2 GA6 V . 15.17 11.38 20.76
H10 GA6 V . 9.41 13.70 29.55
H12 GA6 V . 9.41 14.77 25.38
H4 GA6 V . 11.99 16.24 22.16
H5 GA6 V . 10.88 15.99 24.28
H6 GA6 V . 14.41 12.76 23.01
H7 GA6 V . 13.26 12.53 25.15
H8 GA6 V . 13.00 13.37 27.24
H9 GA6 V . 11.81 13.13 29.39
H3 GA6 V . 13.61 15.47 20.66
#